data_6DKK
#
_entry.id   6DKK
#
_cell.length_a   167.659
_cell.length_b   167.659
_cell.length_c   222.834
_cell.angle_alpha   90.00
_cell.angle_beta   90.00
_cell.angle_gamma   120.00
#
_symmetry.space_group_name_H-M   'H 3 2'
#
loop_
_entity.id
_entity.type
_entity.pdbx_description
1 polymer 'Botulinum neurotoxin type A'
2 non-polymer 'PHOSPHATE ION'
3 water water
#
_entity_poly.entity_id   1
_entity_poly.type   'polypeptide(L)'
_entity_poly.pdbx_seq_one_letter_code
;GPKYTMFHYLRAQEFEHGKSRIALTNSVNEALLNPSRVYTFFSSDYVKKVNKATEAAMFLGWVEQLVYDFTDETSEVSTT
DKIADITIIIPYIGPALNIGNMLYKDDFVGALIFSGAVILLEFIPEIAIPVLGTFALVSYIANKVLTVQTIDNALSKRNE
KWDEVYKYIVTNWLAKVNTQIDLIRKKMKEALENQAEATKAIINYQYNQYTEEEKNNINFNIDDLSSKLNESINKAMINI
NKFLNQCSVSYLMNSMIPYGVKRLEDFDASLKDALLKYIYDNRGTLIGQVDRLKDKVNNTLSTDIPFQLSKYVDNQRLLS
TFTEYIK
;
_entity_poly.pdbx_strand_id   A,B
#
loop_
_chem_comp.id
_chem_comp.type
_chem_comp.name
_chem_comp.formula
PO4 non-polymer 'PHOSPHATE ION' 'O4 P -3'
#
# COMPACT_ATOMS: atom_id res chain seq x y z
N GLY A 1 -2.99 1.48 -16.80
CA GLY A 1 -4.16 2.26 -16.41
C GLY A 1 -3.82 3.72 -16.11
N PRO A 2 -4.83 4.53 -15.77
CA PRO A 2 -4.60 5.96 -15.53
C PRO A 2 -3.77 6.23 -14.28
N LYS A 3 -2.94 7.27 -14.33
CA LYS A 3 -2.26 7.74 -13.14
C LYS A 3 -2.86 9.09 -12.70
N TYR A 4 -2.94 9.34 -11.40
CA TYR A 4 -3.49 10.58 -10.88
C TYR A 4 -2.48 11.35 -10.07
N THR A 5 -2.68 12.65 -9.95
CA THR A 5 -1.74 13.46 -9.20
C THR A 5 -2.11 13.66 -7.73
N MET A 6 -1.12 14.07 -6.94
CA MET A 6 -1.30 14.38 -5.54
C MET A 6 -2.22 15.54 -5.33
N PHE A 7 -2.29 16.42 -6.33
CA PHE A 7 -3.05 17.67 -6.23
C PHE A 7 -4.37 17.59 -5.47
N HIS A 8 -5.24 16.74 -5.97
CA HIS A 8 -6.57 16.62 -5.39
C HIS A 8 -6.49 16.20 -3.91
N TYR A 9 -5.71 15.17 -3.60
CA TYR A 9 -5.45 14.76 -2.21
C TYR A 9 -5.03 15.91 -1.30
N LEU A 10 -4.21 16.82 -1.82
CA LEU A 10 -3.76 17.97 -1.05
C LEU A 10 -4.88 19.00 -0.89
N ARG A 11 -5.55 19.32 -2.00
CA ARG A 11 -6.74 20.17 -1.98
C ARG A 11 -7.79 19.67 -0.96
N ALA A 12 -8.00 18.36 -0.93
CA ALA A 12 -8.98 17.76 -0.05
C ALA A 12 -8.75 18.15 1.40
N GLN A 13 -7.50 18.46 1.72
CA GLN A 13 -7.09 18.79 3.07
C GLN A 13 -7.16 20.29 3.32
N GLU A 14 -7.71 21.04 2.36
CA GLU A 14 -7.73 22.50 2.44
C GLU A 14 -9.11 23.08 2.74
N PHE A 15 -9.14 24.20 3.47
CA PHE A 15 -10.39 24.92 3.74
C PHE A 15 -10.17 26.43 3.77
N GLU A 16 -11.17 27.20 3.32
CA GLU A 16 -11.12 28.66 3.46
C GLU A 16 -11.66 29.04 4.84
N HIS A 17 -11.06 30.06 5.44
CA HIS A 17 -11.45 30.47 6.78
C HIS A 17 -12.67 31.37 6.70
N GLY A 18 -13.77 30.91 7.27
CA GLY A 18 -15.02 31.64 7.26
C GLY A 18 -15.71 31.63 8.61
N LYS A 19 -16.99 31.29 8.60
CA LYS A 19 -17.80 31.26 9.81
C LYS A 19 -18.75 30.06 9.82
N SER A 20 -18.71 29.26 8.74
CA SER A 20 -19.44 27.99 8.70
C SER A 20 -18.67 26.92 9.47
N ARG A 21 -19.39 25.98 10.08
CA ARG A 21 -18.73 24.88 10.78
C ARG A 21 -18.18 23.83 9.82
N ILE A 22 -16.89 23.89 9.55
CA ILE A 22 -16.29 22.87 8.72
C ILE A 22 -16.32 21.54 9.47
N ALA A 23 -16.40 20.43 8.73
CA ALA A 23 -16.32 19.12 9.35
C ALA A 23 -15.21 18.25 8.73
N LEU A 24 -14.42 17.64 9.60
CA LEU A 24 -13.50 16.59 9.16
C LEU A 24 -14.24 15.41 8.57
N THR A 25 -13.57 14.79 7.61
CA THR A 25 -14.08 13.63 6.89
C THR A 25 -12.93 12.66 6.58
N ASN A 26 -13.23 11.37 6.57
CA ASN A 26 -12.24 10.38 6.18
C ASN A 26 -12.30 10.09 4.68
N SER A 27 -13.21 10.78 3.99
CA SER A 27 -13.35 10.63 2.54
C SER A 27 -12.74 11.76 1.73
N VAL A 28 -11.68 11.45 1.00
CA VAL A 28 -11.05 12.42 0.09
C VAL A 28 -12.03 13.05 -0.90
N ASN A 29 -12.90 12.23 -1.48
CA ASN A 29 -13.77 12.71 -2.52
C ASN A 29 -14.89 13.55 -1.96
N GLU A 30 -15.28 13.24 -0.73
CA GLU A 30 -16.36 13.98 -0.09
C GLU A 30 -15.88 15.39 0.21
N ALA A 31 -14.64 15.50 0.69
CA ALA A 31 -14.01 16.80 0.97
C ALA A 31 -13.86 17.66 -0.29
N LEU A 32 -13.58 17.01 -1.42
CA LEU A 32 -13.31 17.72 -2.65
C LEU A 32 -14.59 18.27 -3.26
N LEU A 33 -15.72 17.72 -2.86
CA LEU A 33 -16.99 18.14 -3.42
C LEU A 33 -17.77 19.00 -2.46
N ASN A 34 -17.08 19.45 -1.42
CA ASN A 34 -17.74 20.11 -0.32
C ASN A 34 -16.79 21.03 0.41
N PRO A 35 -17.07 22.33 0.32
CA PRO A 35 -16.23 23.34 0.96
C PRO A 35 -16.28 23.24 2.46
N SER A 36 -17.33 22.60 2.97
CA SER A 36 -17.59 22.51 4.41
C SER A 36 -16.95 21.26 4.99
N ARG A 37 -16.33 20.47 4.12
CA ARG A 37 -15.73 19.20 4.51
C ARG A 37 -14.24 19.19 4.17
N VAL A 38 -13.45 18.76 5.16
CA VAL A 38 -12.00 18.77 5.06
C VAL A 38 -11.43 17.37 5.31
N TYR A 39 -10.58 16.89 4.42
CA TYR A 39 -10.11 15.53 4.60
C TYR A 39 -9.11 15.42 5.75
N THR A 40 -9.20 14.34 6.52
CA THR A 40 -8.22 14.07 7.60
C THR A 40 -7.78 12.66 7.50
N PHE A 41 -6.55 12.38 7.93
CA PHE A 41 -6.05 11.02 8.01
C PHE A 41 -6.03 10.50 9.46
N PHE A 42 -6.57 11.28 10.39
CA PHE A 42 -6.71 10.84 11.77
C PHE A 42 -7.81 9.77 11.89
N SER A 43 -7.89 9.11 13.06
CA SER A 43 -8.87 8.04 13.24
C SER A 43 -10.29 8.57 13.03
N SER A 44 -11.16 7.66 12.59
CA SER A 44 -12.56 8.00 12.45
C SER A 44 -13.13 8.44 13.80
N ASP A 45 -12.60 7.85 14.88
CA ASP A 45 -12.98 8.24 16.24
C ASP A 45 -12.60 9.68 16.54
N TYR A 46 -11.58 10.19 15.85
CA TYR A 46 -11.23 11.59 16.03
C TYR A 46 -12.27 12.47 15.34
N VAL A 47 -12.49 12.16 14.06
CA VAL A 47 -13.56 12.75 13.29
C VAL A 47 -14.86 12.82 14.09
N LYS A 48 -15.27 11.71 14.70
CA LYS A 48 -16.52 11.71 15.46
C LYS A 48 -16.46 12.68 16.66
N LYS A 49 -15.31 12.76 17.34
CA LYS A 49 -15.20 13.55 18.55
C LYS A 49 -15.20 15.04 18.22
N VAL A 50 -14.53 15.38 17.14
CA VAL A 50 -14.39 16.78 16.78
C VAL A 50 -15.65 17.33 16.13
N ASN A 51 -16.42 16.47 15.47
CA ASN A 51 -17.59 16.92 14.75
C ASN A 51 -18.79 17.03 15.66
N LYS A 52 -18.55 16.73 16.93
CA LYS A 52 -19.61 16.54 17.92
C LYS A 52 -20.16 17.88 18.42
N ALA A 53 -21.46 18.05 18.37
CA ALA A 53 -22.10 19.21 19.02
C ALA A 53 -21.85 19.14 20.51
N THR A 54 -21.15 20.14 21.05
CA THR A 54 -20.77 20.16 22.46
C THR A 54 -21.39 21.34 23.22
N GLU A 55 -21.94 21.06 24.41
CA GLU A 55 -22.57 22.08 25.28
C GLU A 55 -21.53 22.99 25.94
N ALA A 56 -21.93 24.20 26.31
CA ALA A 56 -21.01 25.13 26.95
C ALA A 56 -20.33 24.57 28.20
N ALA A 57 -21.11 23.86 29.04
CA ALA A 57 -20.61 23.15 30.22
C ALA A 57 -19.42 22.23 29.89
N MET A 58 -19.63 21.32 28.94
CA MET A 58 -18.66 20.28 28.62
C MET A 58 -17.54 20.71 27.67
N PHE A 59 -17.50 22.00 27.34
CA PHE A 59 -16.64 22.54 26.28
C PHE A 59 -15.12 22.33 26.49
N LEU A 60 -14.64 22.86 27.62
CA LEU A 60 -13.23 22.82 28.01
C LEU A 60 -12.64 21.42 28.10
N GLY A 61 -13.38 20.51 28.71
CA GLY A 61 -12.99 19.10 28.77
C GLY A 61 -12.84 18.52 27.38
N TRP A 62 -13.76 18.91 26.49
CA TRP A 62 -13.78 18.45 25.10
C TRP A 62 -12.56 19.00 24.34
N VAL A 63 -12.21 20.27 24.59
CA VAL A 63 -11.01 20.83 23.96
C VAL A 63 -9.76 20.13 24.48
N GLU A 64 -9.68 19.97 25.81
CA GLU A 64 -8.56 19.29 26.44
C GLU A 64 -8.39 17.83 25.97
N GLN A 65 -9.51 17.11 25.87
CA GLN A 65 -9.50 15.76 25.34
C GLN A 65 -8.90 15.73 23.94
N LEU A 66 -9.33 16.67 23.09
CA LEU A 66 -8.89 16.76 21.69
C LEU A 66 -7.40 17.02 21.55
N VAL A 67 -6.88 17.92 22.38
CA VAL A 67 -5.44 18.16 22.45
C VAL A 67 -4.67 16.87 22.74
N TYR A 68 -5.03 16.16 23.81
CA TYR A 68 -4.46 14.82 24.07
C TYR A 68 -4.58 13.92 22.83
N ASP A 69 -5.82 13.74 22.37
CA ASP A 69 -6.11 12.95 21.19
C ASP A 69 -5.27 13.40 20.01
N PHE A 70 -5.25 14.71 19.76
CA PHE A 70 -4.45 15.24 18.65
C PHE A 70 -3.00 14.77 18.76
N THR A 71 -2.44 14.88 19.97
CA THR A 71 -1.08 14.41 20.23
C THR A 71 -0.90 12.90 19.98
N ASP A 72 -1.89 12.09 20.35
CA ASP A 72 -1.81 10.66 20.06
C ASP A 72 -1.93 10.35 18.56
N GLU A 73 -2.85 11.03 17.87
CA GLU A 73 -3.06 10.85 16.44
C GLU A 73 -1.78 11.09 15.58
N THR A 74 -0.91 11.97 16.08
CA THR A 74 0.24 12.46 15.34
C THR A 74 1.57 11.92 15.85
N SER A 75 1.65 11.66 17.15
CA SER A 75 2.88 11.08 17.76
C SER A 75 2.88 9.55 17.79
N GLU A 76 1.74 8.94 18.16
CA GLU A 76 1.64 7.48 18.16
C GLU A 76 1.56 6.95 16.73
N VAL A 77 2.65 7.21 16.01
CA VAL A 77 2.77 6.92 14.59
C VAL A 77 3.75 5.79 14.40
N SER A 78 3.34 4.73 13.74
CA SER A 78 4.27 3.64 13.47
C SER A 78 4.83 3.73 12.03
N THR A 79 5.93 3.02 11.78
CA THR A 79 6.60 3.04 10.48
C THR A 79 7.16 1.67 10.12
N THR A 80 7.34 1.43 8.82
CA THR A 80 7.95 0.19 8.38
C THR A 80 8.40 0.30 6.93
N ASP A 81 9.34 -0.56 6.56
CA ASP A 81 9.75 -0.65 5.18
C ASP A 81 9.36 -2.02 4.65
N LYS A 82 8.58 -2.75 5.44
CA LYS A 82 8.10 -4.06 4.99
C LYS A 82 6.66 -3.96 4.58
N ILE A 83 6.42 -3.88 3.26
CA ILE A 83 5.08 -3.76 2.69
C ILE A 83 4.85 -4.85 1.65
N ALA A 84 3.76 -5.60 1.78
CA ALA A 84 3.45 -6.59 0.76
C ALA A 84 2.21 -6.19 -0.01
N ASP A 85 2.41 -5.57 -1.17
CA ASP A 85 1.28 -5.08 -1.95
C ASP A 85 0.88 -6.17 -2.92
N ILE A 86 -0.28 -6.77 -2.66
CA ILE A 86 -0.69 -7.96 -3.37
C ILE A 86 -1.94 -7.72 -4.23
N THR A 87 -1.81 -7.89 -5.54
CA THR A 87 -2.97 -7.79 -6.43
C THR A 87 -3.57 -9.16 -6.71
N ILE A 88 -4.84 -9.30 -6.33
CA ILE A 88 -5.54 -10.57 -6.51
C ILE A 88 -6.28 -10.52 -7.83
N ILE A 89 -6.10 -11.55 -8.64
CA ILE A 89 -6.79 -11.61 -9.93
C ILE A 89 -8.04 -12.44 -9.75
N ILE A 90 -9.16 -11.89 -10.17
CA ILE A 90 -10.43 -12.58 -10.05
C ILE A 90 -10.81 -13.20 -11.39
N PRO A 91 -10.90 -14.52 -11.41
CA PRO A 91 -11.26 -15.24 -12.63
C PRO A 91 -12.77 -15.33 -12.82
N TYR A 92 -13.33 -14.47 -13.66
CA TYR A 92 -14.76 -14.46 -13.91
C TYR A 92 -15.17 -15.64 -14.80
N ILE A 93 -14.18 -16.24 -15.47
CA ILE A 93 -14.44 -17.37 -16.34
C ILE A 93 -13.43 -18.50 -16.09
N GLY A 94 -13.90 -19.56 -15.43
CA GLY A 94 -13.05 -20.69 -15.12
C GLY A 94 -12.93 -20.98 -13.63
N PRO A 95 -11.89 -21.76 -13.26
CA PRO A 95 -11.63 -22.20 -11.90
C PRO A 95 -10.84 -21.15 -11.11
N ALA A 96 -10.78 -21.30 -9.79
CA ALA A 96 -10.08 -20.35 -8.95
C ALA A 96 -8.58 -20.41 -9.21
N LEU A 97 -7.94 -19.25 -9.09
CA LEU A 97 -6.51 -19.15 -9.34
C LEU A 97 -5.69 -19.35 -8.06
N ASN A 98 -4.66 -20.19 -8.15
CA ASN A 98 -3.73 -20.40 -7.04
C ASN A 98 -3.11 -19.05 -6.61
N ILE A 99 -3.13 -18.75 -5.30
CA ILE A 99 -2.61 -17.47 -4.79
C ILE A 99 -1.16 -17.20 -5.25
N GLY A 100 -0.40 -18.28 -5.45
CA GLY A 100 0.96 -18.18 -5.96
C GLY A 100 1.17 -17.34 -7.21
N ASN A 101 0.15 -17.21 -8.06
CA ASN A 101 0.29 -16.50 -9.32
C ASN A 101 -0.36 -15.13 -9.32
N MET A 102 -0.79 -14.68 -8.16
CA MET A 102 -1.25 -13.31 -8.05
C MET A 102 0.01 -12.44 -8.00
N LEU A 103 -0.18 -11.14 -8.25
CA LEU A 103 0.93 -10.23 -8.37
C LEU A 103 1.44 -9.83 -6.99
N TYR A 104 2.73 -9.53 -6.92
CA TYR A 104 3.33 -9.11 -5.66
C TYR A 104 4.28 -7.95 -5.89
N LYS A 105 4.02 -6.84 -5.21
CA LYS A 105 4.84 -5.63 -5.32
C LYS A 105 5.38 -5.28 -3.96
N ASP A 106 6.67 -4.96 -3.89
CA ASP A 106 7.21 -4.61 -2.58
C ASP A 106 8.29 -3.54 -2.63
N ASP A 107 8.41 -2.86 -3.77
CA ASP A 107 9.42 -1.82 -3.90
C ASP A 107 8.86 -0.49 -3.42
N PHE A 108 8.71 -0.39 -2.11
CA PHE A 108 8.38 0.87 -1.47
C PHE A 108 9.60 1.33 -0.65
N VAL A 109 9.70 2.64 -0.43
CA VAL A 109 10.80 3.16 0.39
C VAL A 109 10.45 2.99 1.85
N GLY A 110 9.17 3.21 2.17
CA GLY A 110 8.70 3.15 3.53
C GLY A 110 7.22 3.43 3.65
N ALA A 111 6.67 3.14 4.83
CA ALA A 111 5.25 3.34 5.09
C ALA A 111 5.05 4.05 6.43
N LEU A 112 4.18 5.05 6.39
CA LEU A 112 3.92 5.86 7.56
C LEU A 112 2.47 5.55 8.01
N ILE A 113 2.36 4.86 9.15
CA ILE A 113 1.08 4.38 9.66
C ILE A 113 0.53 5.25 10.76
N PHE A 114 -0.45 6.07 10.40
CA PHE A 114 -1.23 6.86 11.36
C PHE A 114 -2.41 6.02 11.81
N SER A 115 -3.07 6.43 12.88
CA SER A 115 -4.21 5.70 13.41
C SER A 115 -5.41 5.63 12.44
N GLY A 116 -5.43 6.52 11.44
CA GLY A 116 -6.54 6.57 10.50
C GLY A 116 -6.19 6.43 9.01
N ALA A 117 -4.91 6.31 8.71
CA ALA A 117 -4.47 6.17 7.32
C ALA A 117 -3.05 5.64 7.21
N VAL A 118 -2.78 4.91 6.13
CA VAL A 118 -1.42 4.51 5.82
C VAL A 118 -0.92 5.36 4.66
N ILE A 119 0.32 5.84 4.79
CA ILE A 119 0.98 6.58 3.71
C ILE A 119 2.17 5.78 3.19
N LEU A 120 2.07 5.31 1.95
CA LEU A 120 3.18 4.59 1.34
C LEU A 120 3.99 5.55 0.51
N LEU A 121 5.31 5.44 0.54
CA LEU A 121 6.15 6.18 -0.41
C LEU A 121 6.93 5.27 -1.34
N GLU A 122 7.01 5.66 -2.61
CA GLU A 122 7.95 5.02 -3.54
C GLU A 122 8.53 6.12 -4.39
N PHE A 123 9.79 5.92 -4.78
CA PHE A 123 10.52 6.89 -5.58
C PHE A 123 10.75 6.25 -6.93
N ILE A 124 10.56 7.02 -7.99
CA ILE A 124 10.97 6.61 -9.33
C ILE A 124 11.61 7.84 -9.95
N PRO A 125 12.41 7.66 -11.01
CA PRO A 125 12.93 6.46 -11.66
C PRO A 125 14.36 6.16 -11.21
N GLU A 126 14.94 5.07 -11.72
CA GLU A 126 16.33 4.78 -11.45
C GLU A 126 17.16 5.97 -11.94
N ILE A 127 18.31 6.19 -11.33
CA ILE A 127 19.17 7.25 -11.79
C ILE A 127 19.89 6.83 -13.10
N ALA A 128 19.99 7.74 -14.06
CA ALA A 128 20.74 7.42 -15.28
C ALA A 128 22.21 7.28 -14.92
N ILE A 129 22.78 6.12 -15.21
CA ILE A 129 24.22 5.99 -15.04
C ILE A 129 24.84 6.49 -16.32
N PRO A 130 25.74 7.47 -16.21
CA PRO A 130 26.42 8.07 -17.37
C PRO A 130 27.18 7.05 -18.20
N VAL A 131 27.18 7.24 -19.51
CA VAL A 131 27.79 6.31 -20.44
C VAL A 131 29.22 5.96 -20.02
N LEU A 132 29.44 4.66 -19.83
CA LEU A 132 30.70 4.14 -19.35
C LEU A 132 31.58 3.74 -20.53
N GLY A 133 30.93 3.24 -21.59
CA GLY A 133 31.61 2.91 -22.83
C GLY A 133 32.12 4.16 -23.51
N THR A 134 33.30 4.60 -23.09
CA THR A 134 33.86 5.87 -23.52
C THR A 134 35.12 5.68 -24.35
N PHE A 135 36.00 4.79 -23.88
CA PHE A 135 37.28 4.60 -24.55
C PHE A 135 37.29 3.38 -25.48
N ALA A 136 38.10 3.49 -26.53
CA ALA A 136 38.32 2.40 -27.45
C ALA A 136 39.75 1.93 -27.29
N LEU A 137 39.99 0.66 -27.63
CA LEU A 137 41.30 0.05 -27.47
C LEU A 137 42.07 0.15 -28.78
N VAL A 138 43.14 0.94 -28.75
CA VAL A 138 43.95 1.19 -29.94
C VAL A 138 44.91 0.04 -30.26
N SER A 139 44.87 -0.43 -31.49
CA SER A 139 45.72 -1.53 -31.95
C SER A 139 47.13 -1.05 -32.28
N TYR A 140 48.08 -1.29 -31.40
CA TYR A 140 49.45 -0.92 -31.70
C TYR A 140 50.19 -2.09 -32.32
N ILE A 141 50.85 -1.85 -33.44
CA ILE A 141 51.51 -2.95 -34.12
C ILE A 141 52.89 -3.21 -33.53
N ALA A 142 53.09 -4.45 -33.10
CA ALA A 142 54.40 -4.90 -32.73
C ALA A 142 55.03 -3.98 -31.72
N ASN A 143 54.25 -3.52 -30.75
CA ASN A 143 54.80 -2.69 -29.70
C ASN A 143 54.37 -3.13 -28.33
N LYS A 144 55.04 -4.12 -27.79
CA LYS A 144 54.55 -4.83 -26.63
C LYS A 144 54.34 -3.94 -25.43
N VAL A 145 55.23 -2.99 -25.20
CA VAL A 145 55.09 -2.13 -24.04
C VAL A 145 53.82 -1.34 -24.14
N LEU A 146 53.42 -1.05 -25.37
CA LEU A 146 52.34 -0.10 -25.57
C LEU A 146 50.98 -0.77 -25.72
N THR A 147 50.96 -2.06 -26.01
CA THR A 147 49.69 -2.79 -25.96
C THR A 147 49.39 -3.11 -24.50
N VAL A 148 50.44 -3.48 -23.77
CA VAL A 148 50.34 -3.72 -22.32
C VAL A 148 49.94 -2.44 -21.63
N GLN A 149 50.35 -1.32 -22.22
CA GLN A 149 49.94 -0.02 -21.73
C GLN A 149 48.43 0.13 -21.84
N THR A 150 47.87 -0.08 -23.03
CA THR A 150 46.45 0.15 -23.27
C THR A 150 45.58 -0.73 -22.36
N ILE A 151 46.06 -1.94 -22.13
CA ILE A 151 45.39 -2.90 -21.26
C ILE A 151 45.48 -2.47 -19.80
N ASP A 152 46.66 -2.05 -19.36
CA ASP A 152 46.80 -1.56 -17.99
C ASP A 152 46.02 -0.26 -17.80
N ASN A 153 45.91 0.54 -18.86
CA ASN A 153 45.14 1.77 -18.78
C ASN A 153 43.66 1.47 -18.67
N ALA A 154 43.17 0.56 -19.49
CA ALA A 154 41.76 0.16 -19.44
C ALA A 154 41.41 -0.34 -18.04
N LEU A 155 42.23 -1.24 -17.52
CA LEU A 155 42.03 -1.78 -16.17
C LEU A 155 42.07 -0.67 -15.11
N SER A 156 42.96 0.30 -15.29
CA SER A 156 43.08 1.40 -14.32
C SER A 156 41.98 2.44 -14.55
N LYS A 157 41.34 2.36 -15.72
CA LYS A 157 40.28 3.28 -16.08
C LYS A 157 38.96 2.79 -15.53
N ARG A 158 38.79 1.48 -15.40
CA ARG A 158 37.56 0.98 -14.80
C ARG A 158 37.52 1.28 -13.30
N ASN A 159 38.67 1.19 -12.63
CA ASN A 159 38.70 1.54 -11.21
C ASN A 159 38.24 2.98 -11.02
N GLU A 160 38.58 3.81 -12.01
CA GLU A 160 38.18 5.20 -12.06
C GLU A 160 36.68 5.36 -12.29
N LYS A 161 36.12 4.57 -13.21
CA LYS A 161 34.67 4.67 -13.48
C LYS A 161 33.88 4.31 -12.24
N TRP A 162 34.18 3.15 -11.64
CA TRP A 162 33.58 2.72 -10.36
C TRP A 162 33.56 3.86 -9.34
N ASP A 163 34.73 4.43 -9.07
CA ASP A 163 34.80 5.56 -8.16
C ASP A 163 33.92 6.73 -8.60
N GLU A 164 34.10 7.20 -9.84
CA GLU A 164 33.32 8.33 -10.35
C GLU A 164 31.82 8.06 -10.33
N VAL A 165 31.42 6.82 -10.57
CA VAL A 165 30.00 6.48 -10.56
C VAL A 165 29.46 6.46 -9.12
N TYR A 166 30.23 5.90 -8.17
CA TYR A 166 29.87 6.02 -6.75
C TYR A 166 29.71 7.48 -6.37
N LYS A 167 30.70 8.30 -6.73
CA LYS A 167 30.65 9.69 -6.37
C LYS A 167 29.41 10.33 -7.01
N TYR A 168 29.20 10.06 -8.29
CA TYR A 168 28.05 10.57 -9.02
C TYR A 168 26.71 10.20 -8.37
N ILE A 169 26.62 8.99 -7.85
CA ILE A 169 25.39 8.52 -7.25
C ILE A 169 25.14 9.23 -5.91
N VAL A 170 26.17 9.28 -5.07
CA VAL A 170 26.08 9.96 -3.79
C VAL A 170 25.83 11.45 -4.00
N THR A 171 26.52 12.03 -4.97
CA THR A 171 26.28 13.42 -5.34
C THR A 171 24.80 13.68 -5.67
N ASN A 172 24.21 12.84 -6.50
CA ASN A 172 22.83 13.07 -6.92
C ASN A 172 21.85 12.66 -5.85
N TRP A 173 22.31 11.88 -4.88
CA TRP A 173 21.44 11.52 -3.78
C TRP A 173 21.33 12.66 -2.75
N LEU A 174 22.39 13.44 -2.59
CA LEU A 174 22.35 14.64 -1.76
C LEU A 174 21.59 15.77 -2.44
N ALA A 175 22.05 16.13 -3.64
CA ALA A 175 21.50 17.24 -4.38
C ALA A 175 20.10 16.99 -4.95
N LYS A 176 19.76 15.76 -5.27
CA LYS A 176 18.47 15.50 -5.92
C LYS A 176 17.45 14.72 -5.07
N VAL A 177 17.89 13.58 -4.53
CA VAL A 177 16.99 12.75 -3.76
C VAL A 177 16.70 13.40 -2.41
N ASN A 178 17.75 13.79 -1.69
CA ASN A 178 17.57 14.38 -0.38
C ASN A 178 16.82 15.70 -0.42
N THR A 179 16.96 16.40 -1.55
CA THR A 179 16.19 17.60 -1.80
C THR A 179 14.70 17.29 -1.92
N GLN A 180 14.33 16.28 -2.70
CA GLN A 180 12.94 15.96 -2.92
C GLN A 180 12.33 15.39 -1.63
N ILE A 181 13.14 14.70 -0.84
CA ILE A 181 12.70 14.21 0.45
C ILE A 181 12.50 15.36 1.44
N ASP A 182 13.24 16.45 1.28
CA ASP A 182 13.05 17.62 2.16
C ASP A 182 11.79 18.39 1.81
N LEU A 183 11.24 18.13 0.64
CA LEU A 183 9.96 18.70 0.24
C LEU A 183 8.85 17.82 0.80
N ILE A 184 9.18 16.56 1.04
CA ILE A 184 8.26 15.65 1.73
C ILE A 184 8.10 16.09 3.17
N ARG A 185 9.23 16.41 3.81
CA ARG A 185 9.22 16.88 5.19
C ARG A 185 8.36 18.14 5.28
N LYS A 186 8.57 19.05 4.34
CA LYS A 186 7.80 20.29 4.29
C LYS A 186 6.30 20.00 4.15
N LYS A 187 5.90 19.30 3.09
CA LYS A 187 4.46 19.12 2.84
C LYS A 187 3.74 18.27 3.90
N MET A 188 4.48 17.38 4.56
CA MET A 188 3.97 16.61 5.68
C MET A 188 3.72 17.45 6.95
N LYS A 189 4.74 18.15 7.43
CA LYS A 189 4.57 19.04 8.57
C LYS A 189 3.45 20.05 8.26
N GLU A 190 3.49 20.62 7.07
CA GLU A 190 2.44 21.54 6.59
C GLU A 190 1.03 20.91 6.54
N ALA A 191 0.96 19.61 6.33
CA ALA A 191 -0.32 18.91 6.37
C ALA A 191 -0.78 18.78 7.81
N LEU A 192 0.18 18.54 8.70
CA LEU A 192 -0.12 18.32 10.11
C LEU A 192 -0.65 19.60 10.72
N GLU A 193 -0.08 20.72 10.30
CA GLU A 193 -0.55 22.00 10.79
C GLU A 193 -1.68 22.52 9.92
N ASN A 194 -2.21 21.68 9.06
CA ASN A 194 -3.49 22.02 8.48
C ASN A 194 -4.60 21.29 9.24
N GLN A 195 -4.25 20.12 9.77
CA GLN A 195 -5.11 19.36 10.66
C GLN A 195 -5.28 20.12 11.96
N ALA A 196 -4.19 20.71 12.43
CA ALA A 196 -4.25 21.61 13.55
C ALA A 196 -5.07 22.86 13.21
N GLU A 197 -4.96 23.40 11.99
CA GLU A 197 -5.78 24.57 11.67
C GLU A 197 -7.26 24.19 11.57
N ALA A 198 -7.52 23.02 11.00
CA ALA A 198 -8.88 22.52 10.86
C ALA A 198 -9.60 22.43 12.23
N THR A 199 -8.95 21.73 13.14
CA THR A 199 -9.48 21.43 14.46
C THR A 199 -9.66 22.72 15.23
N LYS A 200 -8.71 23.65 15.11
CA LYS A 200 -8.88 24.97 15.73
C LYS A 200 -10.10 25.70 15.17
N ALA A 201 -10.27 25.64 13.85
CA ALA A 201 -11.40 26.28 13.20
C ALA A 201 -12.72 25.70 13.73
N ILE A 202 -12.75 24.38 13.89
CA ILE A 202 -13.94 23.70 14.43
C ILE A 202 -14.22 24.07 15.90
N ILE A 203 -13.17 24.14 16.72
CA ILE A 203 -13.32 24.37 18.16
C ILE A 203 -13.69 25.82 18.39
N ASN A 204 -13.18 26.68 17.54
CA ASN A 204 -13.44 28.11 17.66
C ASN A 204 -14.85 28.43 17.17
N TYR A 205 -15.33 27.69 16.19
CA TYR A 205 -16.73 27.80 15.80
C TYR A 205 -17.67 27.39 16.94
N GLN A 206 -17.25 26.41 17.74
CA GLN A 206 -18.07 25.94 18.85
C GLN A 206 -18.10 26.95 20.03
N TYR A 207 -16.96 27.57 20.31
CA TYR A 207 -16.83 28.57 21.36
C TYR A 207 -17.66 29.78 20.99
N ASN A 208 -17.75 30.07 19.70
CA ASN A 208 -18.46 31.25 19.24
C ASN A 208 -19.90 30.96 18.79
N GLN A 209 -20.43 29.84 19.27
CA GLN A 209 -21.85 29.51 19.19
C GLN A 209 -22.52 29.64 20.55
N TYR A 210 -21.75 29.98 21.59
CA TYR A 210 -22.33 30.14 22.93
C TYR A 210 -22.70 31.60 23.21
N THR A 211 -23.51 31.81 24.24
CA THR A 211 -23.85 33.12 24.78
C THR A 211 -22.60 33.93 25.19
N GLU A 212 -22.73 35.24 25.34
CA GLU A 212 -21.60 36.06 25.73
C GLU A 212 -21.21 35.94 27.20
N GLU A 213 -22.19 35.79 28.08
CA GLU A 213 -21.86 35.54 29.47
C GLU A 213 -21.38 34.11 29.70
N GLU A 214 -21.70 33.21 28.76
CA GLU A 214 -21.16 31.85 28.79
C GLU A 214 -19.68 31.85 28.43
N LYS A 215 -19.33 32.54 27.35
CA LYS A 215 -17.95 32.56 26.85
C LYS A 215 -17.04 33.29 27.82
N ASN A 216 -17.65 34.12 28.66
CA ASN A 216 -16.92 34.87 29.66
C ASN A 216 -16.56 33.94 30.80
N ASN A 217 -17.42 32.95 31.04
CA ASN A 217 -17.23 31.97 32.11
C ASN A 217 -16.30 30.83 31.73
N ILE A 218 -15.73 30.87 30.52
CA ILE A 218 -14.90 29.79 30.02
C ILE A 218 -13.49 30.29 29.73
N ASN A 219 -12.54 29.81 30.53
CA ASN A 219 -11.14 30.15 30.34
C ASN A 219 -10.54 29.48 29.11
N PHE A 220 -10.90 29.99 27.93
CA PHE A 220 -10.41 29.45 26.67
C PHE A 220 -9.64 30.49 25.87
N ASN A 221 -8.35 30.24 25.64
CA ASN A 221 -7.54 31.11 24.81
C ASN A 221 -7.12 30.41 23.52
N ILE A 222 -7.61 30.89 22.37
CA ILE A 222 -7.30 30.29 21.08
C ILE A 222 -5.78 30.26 20.83
N ASP A 223 -5.05 31.16 21.47
CA ASP A 223 -3.61 31.20 21.32
C ASP A 223 -2.88 30.05 22.04
N ASP A 224 -3.26 29.77 23.28
CA ASP A 224 -2.69 28.64 24.01
C ASP A 224 -3.03 27.27 23.42
N LEU A 225 -4.15 27.19 22.73
CA LEU A 225 -4.42 26.00 21.95
C LEU A 225 -3.41 25.92 20.79
N SER A 226 -3.20 27.04 20.10
CA SER A 226 -2.28 27.11 18.97
C SER A 226 -0.89 26.61 19.35
N SER A 227 -0.38 27.12 20.46
CA SER A 227 0.90 26.68 21.00
C SER A 227 0.88 25.21 21.36
N LYS A 228 -0.25 24.76 21.92
CA LYS A 228 -0.37 23.41 22.46
C LYS A 228 -0.27 22.30 21.42
N LEU A 229 -0.81 22.55 20.22
CA LEU A 229 -0.70 21.54 19.16
C LEU A 229 0.50 21.78 18.23
N ASN A 230 1.06 22.99 18.25
CA ASN A 230 2.35 23.20 17.64
C ASN A 230 3.41 22.38 18.39
N GLU A 231 3.28 22.35 19.72
CA GLU A 231 4.08 21.49 20.57
C GLU A 231 3.91 20.04 20.09
N SER A 232 2.65 19.62 19.95
CA SER A 232 2.32 18.31 19.41
C SER A 232 2.87 18.10 17.99
N ILE A 233 2.77 19.13 17.16
CA ILE A 233 3.23 19.03 15.78
C ILE A 233 4.75 18.85 15.75
N ASN A 234 5.47 19.74 16.43
CA ASN A 234 6.92 19.61 16.50
C ASN A 234 7.33 18.24 17.08
N LYS A 235 6.49 17.74 17.98
CA LYS A 235 6.71 16.44 18.61
C LYS A 235 6.61 15.33 17.57
N ALA A 236 5.57 15.38 16.74
CA ALA A 236 5.34 14.42 15.67
C ALA A 236 6.49 14.42 14.66
N MET A 237 7.02 15.60 14.36
CA MET A 237 8.04 15.73 13.33
C MET A 237 9.33 14.99 13.66
N ILE A 238 9.51 14.58 14.92
CA ILE A 238 10.72 13.87 15.31
C ILE A 238 10.72 12.50 14.64
N ASN A 239 9.59 11.81 14.76
CA ASN A 239 9.46 10.47 14.20
C ASN A 239 9.21 10.48 12.70
N ILE A 240 8.49 11.48 12.20
CA ILE A 240 8.35 11.68 10.75
C ILE A 240 9.73 11.91 10.06
N ASN A 241 10.56 12.77 10.65
CA ASN A 241 11.89 13.04 10.11
C ASN A 241 12.86 11.88 10.25
N LYS A 242 12.77 11.15 11.37
CA LYS A 242 13.58 9.94 11.55
C LYS A 242 13.24 8.93 10.46
N PHE A 243 11.95 8.89 10.12
CA PHE A 243 11.42 8.01 9.09
C PHE A 243 11.99 8.38 7.72
N LEU A 244 11.77 9.63 7.32
CA LEU A 244 12.32 10.16 6.08
C LEU A 244 13.86 10.01 5.99
N ASN A 245 14.56 10.20 7.11
CA ASN A 245 16.00 9.92 7.15
C ASN A 245 16.29 8.47 6.84
N GLN A 246 15.54 7.59 7.46
CA GLN A 246 15.73 6.16 7.24
C GLN A 246 15.34 5.86 5.80
N CYS A 247 14.25 6.50 5.35
CA CYS A 247 13.85 6.46 3.94
C CYS A 247 14.96 6.92 2.99
N SER A 248 15.37 8.17 3.16
CA SER A 248 16.51 8.72 2.42
C SER A 248 17.67 7.77 2.35
N VAL A 249 18.09 7.22 3.49
CA VAL A 249 19.31 6.42 3.51
C VAL A 249 19.09 5.01 2.95
N SER A 250 17.87 4.51 3.08
CA SER A 250 17.60 3.20 2.50
C SER A 250 17.68 3.27 0.96
N TYR A 251 17.11 4.33 0.38
CA TYR A 251 17.07 4.45 -1.08
C TYR A 251 18.49 4.50 -1.66
N LEU A 252 19.35 5.31 -1.04
CA LEU A 252 20.77 5.33 -1.41
C LEU A 252 21.36 3.93 -1.30
N MET A 253 21.20 3.30 -0.13
CA MET A 253 21.84 2.02 0.13
C MET A 253 21.17 0.82 -0.56
N ASN A 254 19.85 0.85 -0.72
CA ASN A 254 19.14 -0.31 -1.26
C ASN A 254 18.75 -0.24 -2.74
N SER A 255 18.58 0.97 -3.26
CA SER A 255 18.26 1.14 -4.68
C SER A 255 19.42 1.68 -5.53
N MET A 256 19.80 2.92 -5.27
CA MET A 256 20.75 3.63 -6.12
C MET A 256 22.07 2.89 -6.28
N ILE A 257 22.81 2.71 -5.18
CA ILE A 257 24.09 1.98 -5.21
C ILE A 257 23.97 0.59 -5.86
N PRO A 258 22.99 -0.24 -5.43
CA PRO A 258 22.84 -1.51 -6.15
C PRO A 258 22.60 -1.34 -7.67
N TYR A 259 21.82 -0.34 -8.09
CA TYR A 259 21.58 -0.15 -9.52
C TYR A 259 22.89 0.17 -10.25
N GLY A 260 23.56 1.23 -9.81
CA GLY A 260 24.86 1.59 -10.31
C GLY A 260 25.84 0.41 -10.33
N VAL A 261 25.79 -0.44 -9.30
CA VAL A 261 26.67 -1.60 -9.27
C VAL A 261 26.36 -2.57 -10.43
N LYS A 262 25.07 -2.77 -10.70
CA LYS A 262 24.64 -3.59 -11.83
C LYS A 262 25.11 -3.01 -13.16
N ARG A 263 24.83 -1.73 -13.40
CA ARG A 263 25.22 -1.13 -14.68
C ARG A 263 26.74 -1.11 -14.81
N LEU A 264 27.44 -1.05 -13.67
CA LEU A 264 28.91 -1.11 -13.65
C LEU A 264 29.46 -2.50 -14.00
N GLU A 265 28.78 -3.54 -13.52
CA GLU A 265 29.19 -4.89 -13.82
C GLU A 265 28.93 -5.19 -15.28
N ASP A 266 27.83 -4.66 -15.78
CA ASP A 266 27.57 -4.72 -17.21
C ASP A 266 28.75 -4.13 -17.99
N PHE A 267 29.27 -3.01 -17.49
CA PHE A 267 30.44 -2.40 -18.10
C PHE A 267 31.65 -3.35 -18.08
N ASP A 268 31.97 -3.90 -16.91
CA ASP A 268 33.14 -4.79 -16.73
C ASP A 268 33.12 -5.97 -17.70
N ALA A 269 31.96 -6.60 -17.80
CA ALA A 269 31.74 -7.72 -18.71
C ALA A 269 32.08 -7.29 -20.12
N SER A 270 31.47 -6.20 -20.57
CA SER A 270 31.64 -5.72 -21.94
C SER A 270 33.11 -5.41 -22.23
N LEU A 271 33.82 -4.92 -21.22
CA LEU A 271 35.23 -4.60 -21.31
C LEU A 271 36.15 -5.83 -21.49
N LYS A 272 35.81 -6.96 -20.86
CA LYS A 272 36.59 -8.19 -21.09
C LYS A 272 36.39 -8.68 -22.51
N ASP A 273 35.12 -8.86 -22.86
CA ASP A 273 34.67 -9.20 -24.21
C ASP A 273 35.44 -8.44 -25.31
N ALA A 274 35.79 -7.19 -25.03
CA ALA A 274 36.57 -6.36 -25.95
C ALA A 274 38.08 -6.38 -25.68
N LEU A 275 38.49 -6.64 -24.44
CA LEU A 275 39.92 -6.72 -24.13
C LEU A 275 40.54 -8.03 -24.67
N LEU A 276 39.78 -9.11 -24.60
CA LEU A 276 40.27 -10.39 -25.06
C LEU A 276 40.28 -10.46 -26.58
N LYS A 277 39.26 -9.92 -27.23
CA LYS A 277 39.26 -9.87 -28.70
C LYS A 277 40.46 -9.06 -29.19
N TYR A 278 40.88 -8.10 -28.36
CA TYR A 278 42.02 -7.25 -28.65
C TYR A 278 43.30 -8.06 -28.53
N ILE A 279 43.31 -8.99 -27.58
CA ILE A 279 44.42 -9.93 -27.42
C ILE A 279 44.45 -10.96 -28.55
N TYR A 280 43.27 -11.42 -28.98
CA TYR A 280 43.18 -12.33 -30.12
C TYR A 280 43.47 -11.61 -31.47
N ASP A 281 43.33 -10.29 -31.48
CA ASP A 281 43.74 -9.53 -32.65
C ASP A 281 45.19 -9.04 -32.49
N ASN A 282 45.77 -9.30 -31.33
CA ASN A 282 47.19 -9.03 -31.06
C ASN A 282 47.92 -10.32 -30.80
N ARG A 283 47.72 -11.30 -31.68
CA ARG A 283 48.26 -12.65 -31.49
C ARG A 283 49.75 -12.63 -31.21
N GLY A 284 50.13 -13.18 -30.06
CA GLY A 284 51.51 -13.50 -29.74
C GLY A 284 52.39 -12.34 -29.35
N THR A 285 52.08 -11.16 -29.86
CA THR A 285 52.83 -9.94 -29.61
C THR A 285 53.08 -9.73 -28.11
N LEU A 286 52.23 -10.33 -27.28
CA LEU A 286 52.28 -10.16 -25.83
C LEU A 286 52.79 -11.39 -25.09
N ILE A 287 53.04 -12.47 -25.83
CA ILE A 287 53.36 -13.76 -25.22
C ILE A 287 54.55 -13.72 -24.25
N GLY A 288 54.49 -14.57 -23.24
CA GLY A 288 55.42 -14.50 -22.12
C GLY A 288 54.73 -13.77 -21.00
N GLN A 289 53.59 -13.16 -21.32
CA GLN A 289 52.82 -12.37 -20.38
C GLN A 289 51.33 -12.63 -20.47
N VAL A 290 50.89 -13.14 -21.61
CA VAL A 290 49.47 -13.40 -21.90
C VAL A 290 48.69 -13.96 -20.69
N ASP A 291 49.28 -14.95 -20.03
CA ASP A 291 48.75 -15.46 -18.77
C ASP A 291 48.67 -14.34 -17.74
N ARG A 292 49.83 -13.80 -17.34
CA ARG A 292 49.93 -12.76 -16.31
C ARG A 292 48.89 -11.65 -16.43
N LEU A 293 48.60 -11.25 -17.68
CA LEU A 293 47.65 -10.18 -17.96
C LEU A 293 46.19 -10.61 -17.74
N LYS A 294 45.83 -11.76 -18.29
CA LYS A 294 44.47 -12.24 -18.19
C LYS A 294 44.09 -12.51 -16.73
N ASP A 295 45.08 -12.94 -15.93
CA ASP A 295 44.87 -13.26 -14.51
C ASP A 295 44.56 -12.01 -13.69
N LYS A 296 45.40 -10.99 -13.86
CA LYS A 296 45.19 -9.69 -13.23
C LYS A 296 43.94 -9.03 -13.83
N VAL A 297 43.64 -9.35 -15.10
CA VAL A 297 42.39 -8.91 -15.69
C VAL A 297 41.21 -9.52 -14.92
N ASN A 298 41.20 -10.84 -14.83
CA ASN A 298 40.08 -11.55 -14.26
C ASN A 298 40.00 -11.39 -12.74
N ASN A 299 41.15 -11.26 -12.11
CA ASN A 299 41.21 -10.87 -10.71
C ASN A 299 40.44 -9.57 -10.51
N THR A 300 40.64 -8.64 -11.44
CA THR A 300 40.06 -7.30 -11.37
C THR A 300 38.64 -7.16 -11.93
N LEU A 301 38.39 -7.70 -13.12
CA LEU A 301 37.08 -7.52 -13.79
C LEU A 301 36.00 -8.56 -13.41
N SER A 302 36.31 -9.40 -12.42
CA SER A 302 35.33 -10.35 -11.88
C SER A 302 35.19 -10.10 -10.38
N THR A 303 35.48 -8.88 -9.97
CA THR A 303 35.41 -8.48 -8.58
C THR A 303 34.98 -7.02 -8.47
N ASP A 304 33.78 -6.78 -7.94
CA ASP A 304 33.32 -5.42 -7.70
C ASP A 304 34.29 -4.60 -6.86
N ILE A 305 34.41 -3.32 -7.18
CA ILE A 305 35.11 -2.42 -6.25
C ILE A 305 34.18 -2.23 -5.08
N PRO A 306 34.64 -2.64 -3.88
CA PRO A 306 33.84 -2.44 -2.67
C PRO A 306 33.41 -0.98 -2.56
N PHE A 307 32.16 -0.77 -2.19
CA PHE A 307 31.65 0.56 -1.91
C PHE A 307 31.79 0.80 -0.42
N GLN A 308 32.41 1.91 -0.07
CA GLN A 308 32.60 2.32 1.32
C GLN A 308 31.92 3.65 1.54
N LEU A 309 30.86 3.66 2.32
CA LEU A 309 30.08 4.88 2.52
C LEU A 309 30.91 6.04 3.07
N SER A 310 31.73 5.74 4.08
CA SER A 310 32.57 6.74 4.73
C SER A 310 33.38 7.60 3.72
N LYS A 311 33.95 6.94 2.72
CA LYS A 311 34.71 7.60 1.66
C LYS A 311 33.94 8.73 0.94
N TYR A 312 32.67 8.47 0.65
CA TYR A 312 31.89 9.44 -0.12
C TYR A 312 31.07 10.34 0.79
N VAL A 313 31.18 10.12 2.10
CA VAL A 313 30.57 11.01 3.11
C VAL A 313 31.58 11.36 4.22
N GLY B 1 5.25 -1.16 -13.79
CA GLY B 1 4.74 -2.43 -14.26
C GLY B 1 5.17 -3.62 -13.41
N PRO B 2 4.29 -4.65 -13.35
CA PRO B 2 4.40 -5.95 -12.64
C PRO B 2 5.67 -6.74 -12.94
N LYS B 3 6.13 -7.52 -11.97
CA LYS B 3 7.41 -8.19 -12.07
C LYS B 3 7.50 -9.51 -11.27
N TYR B 4 6.97 -9.53 -10.06
CA TYR B 4 6.95 -10.75 -9.28
C TYR B 4 5.52 -11.27 -9.13
N THR B 5 5.42 -12.55 -8.82
CA THR B 5 4.17 -13.16 -8.37
C THR B 5 4.31 -13.56 -6.91
N MET B 6 3.24 -14.07 -6.33
CA MET B 6 3.26 -14.42 -4.91
C MET B 6 4.28 -15.50 -4.59
N PHE B 7 4.66 -16.28 -5.59
CA PHE B 7 5.61 -17.37 -5.38
C PHE B 7 6.88 -16.81 -4.85
N HIS B 8 7.23 -15.63 -5.36
CA HIS B 8 8.43 -14.95 -4.95
C HIS B 8 8.41 -14.81 -3.42
N TYR B 9 7.33 -14.23 -2.93
CA TYR B 9 7.13 -13.97 -1.52
C TYR B 9 7.04 -15.24 -0.67
N LEU B 10 6.28 -16.23 -1.16
CA LEU B 10 6.01 -17.45 -0.40
C LEU B 10 7.25 -18.34 -0.23
N ARG B 11 8.00 -18.53 -1.31
CA ARG B 11 9.26 -19.28 -1.26
C ARG B 11 10.18 -18.73 -0.19
N ALA B 12 10.19 -17.40 -0.05
CA ALA B 12 11.01 -16.73 0.95
C ALA B 12 10.73 -17.19 2.37
N GLN B 13 9.53 -17.72 2.59
CA GLN B 13 9.11 -18.14 3.92
C GLN B 13 9.33 -19.64 4.14
N GLU B 14 9.71 -20.35 3.09
CA GLU B 14 9.89 -21.80 3.16
C GLU B 14 11.29 -22.25 3.63
N PHE B 15 11.33 -23.45 4.20
CA PHE B 15 12.57 -24.10 4.60
C PHE B 15 12.31 -25.60 4.70
N GLU B 16 13.33 -26.41 4.48
CA GLU B 16 13.18 -27.85 4.66
C GLU B 16 13.62 -28.22 6.08
N HIS B 17 13.12 -29.34 6.59
CA HIS B 17 13.50 -29.80 7.92
C HIS B 17 14.90 -30.39 7.91
N GLY B 18 15.90 -29.52 7.87
CA GLY B 18 17.29 -29.93 7.92
C GLY B 18 18.01 -29.04 8.92
N LYS B 19 18.52 -29.66 10.00
CA LYS B 19 19.05 -28.92 11.13
C LYS B 19 20.25 -28.03 10.80
N SER B 20 20.18 -26.79 11.27
CA SER B 20 21.27 -25.82 11.15
C SER B 20 20.91 -24.59 11.97
N ARG B 21 21.81 -23.62 12.02
CA ARG B 21 21.53 -22.32 12.63
C ARG B 21 20.63 -21.49 11.72
N ILE B 22 19.37 -21.91 11.60
CA ILE B 22 18.36 -21.24 10.78
C ILE B 22 17.73 -20.07 11.51
N ALA B 23 17.85 -18.88 10.93
CA ALA B 23 17.38 -17.68 11.60
C ALA B 23 16.32 -16.90 10.81
N LEU B 24 15.48 -16.17 11.53
CA LEU B 24 14.51 -15.30 10.90
C LEU B 24 15.22 -14.06 10.37
N THR B 25 14.79 -13.61 9.20
CA THR B 25 15.33 -12.40 8.58
C THR B 25 14.18 -11.55 8.03
N ASN B 26 14.43 -10.26 7.90
CA ASN B 26 13.41 -9.33 7.45
C ASN B 26 13.60 -8.96 5.98
N SER B 27 14.50 -9.68 5.31
CA SER B 27 14.75 -9.44 3.89
C SER B 27 14.31 -10.62 3.01
N VAL B 28 13.33 -10.39 2.14
CA VAL B 28 12.86 -11.43 1.22
C VAL B 28 14.03 -11.95 0.37
N ASN B 29 14.89 -11.06 -0.05
CA ASN B 29 16.07 -11.44 -0.83
C ASN B 29 16.99 -12.40 -0.06
N GLU B 30 17.33 -12.03 1.16
CA GLU B 30 18.21 -12.83 1.99
C GLU B 30 17.63 -14.20 2.34
N ALA B 31 16.31 -14.25 2.52
CA ALA B 31 15.67 -15.53 2.80
C ALA B 31 15.79 -16.41 1.57
N LEU B 32 15.53 -15.80 0.42
CA LEU B 32 15.54 -16.48 -0.86
C LEU B 32 16.93 -16.96 -1.29
N LEU B 33 17.97 -16.47 -0.64
CA LEU B 33 19.33 -16.74 -1.08
C LEU B 33 20.12 -17.62 -0.12
N ASN B 34 19.69 -17.67 1.13
CA ASN B 34 20.32 -18.53 2.12
C ASN B 34 19.29 -19.49 2.74
N PRO B 35 19.38 -20.78 2.40
CA PRO B 35 18.44 -21.84 2.83
C PRO B 35 18.29 -21.97 4.34
N SER B 36 19.23 -21.41 5.09
CA SER B 36 19.14 -21.39 6.52
C SER B 36 18.61 -20.02 6.96
N ARG B 37 18.10 -19.25 6.02
CA ARG B 37 17.40 -18.02 6.35
C ARG B 37 15.94 -18.10 5.95
N VAL B 38 15.08 -17.59 6.83
CA VAL B 38 13.64 -17.61 6.64
C VAL B 38 13.04 -16.22 6.85
N TYR B 39 12.25 -15.75 5.88
CA TYR B 39 11.62 -14.44 5.98
C TYR B 39 10.47 -14.37 6.99
N THR B 40 10.51 -13.37 7.87
CA THR B 40 9.39 -13.10 8.78
C THR B 40 8.82 -11.70 8.54
N PHE B 41 7.51 -11.56 8.72
CA PHE B 41 6.88 -10.25 8.63
C PHE B 41 6.71 -9.63 10.04
N PHE B 42 7.20 -10.36 11.06
CA PHE B 42 7.25 -9.86 12.43
C PHE B 42 8.29 -8.76 12.56
N SER B 43 8.25 -8.05 13.68
CA SER B 43 9.12 -6.90 13.91
C SER B 43 10.57 -7.35 14.12
N SER B 44 11.49 -6.47 13.75
CA SER B 44 12.92 -6.72 13.92
C SER B 44 13.25 -7.03 15.37
N ASP B 45 12.54 -6.39 16.29
CA ASP B 45 12.70 -6.67 17.71
C ASP B 45 12.50 -8.15 18.02
N TYR B 46 11.51 -8.76 17.39
CA TYR B 46 11.25 -10.18 17.54
C TYR B 46 12.35 -11.01 16.88
N VAL B 47 12.81 -10.54 15.72
CA VAL B 47 13.91 -11.18 15.01
C VAL B 47 15.17 -11.21 15.86
N LYS B 48 15.57 -10.06 16.40
CA LYS B 48 16.76 -9.98 17.24
C LYS B 48 16.60 -10.86 18.48
N LYS B 49 15.36 -11.03 18.91
CA LYS B 49 15.01 -11.74 20.13
C LYS B 49 14.76 -13.24 19.87
N VAL B 50 15.02 -13.70 18.64
CA VAL B 50 14.79 -15.11 18.29
C VAL B 50 16.03 -15.74 17.67
N ASN B 51 16.82 -14.90 17.01
CA ASN B 51 18.10 -15.28 16.41
C ASN B 51 19.18 -15.35 17.47
N LYS B 52 18.81 -14.89 18.66
CA LYS B 52 19.75 -14.72 19.75
C LYS B 52 20.12 -16.10 20.31
N ALA B 53 21.39 -16.27 20.64
CA ALA B 53 21.86 -17.44 21.37
C ALA B 53 21.64 -17.20 22.87
N THR B 54 21.12 -18.21 23.57
CA THR B 54 20.64 -18.02 24.94
C THR B 54 21.09 -19.13 25.91
N GLU B 55 21.78 -18.76 26.98
CA GLU B 55 22.31 -19.73 27.94
C GLU B 55 21.18 -20.54 28.59
N ALA B 56 21.48 -21.78 28.95
CA ALA B 56 20.46 -22.74 29.37
C ALA B 56 19.63 -22.27 30.56
N ALA B 57 20.22 -21.42 31.39
CA ALA B 57 19.52 -20.80 32.51
C ALA B 57 18.31 -20.01 32.01
N MET B 58 18.58 -18.88 31.37
CA MET B 58 17.52 -18.00 30.89
C MET B 58 16.69 -18.58 29.73
N PHE B 59 16.87 -19.87 29.43
CA PHE B 59 16.21 -20.52 28.31
C PHE B 59 14.66 -20.56 28.40
N LEU B 60 14.13 -20.96 29.55
CA LEU B 60 12.68 -21.10 29.68
C LEU B 60 11.96 -19.77 29.85
N GLY B 61 12.73 -18.70 30.09
CA GLY B 61 12.19 -17.35 30.14
C GLY B 61 12.24 -16.71 28.78
N TRP B 62 13.23 -17.12 27.99
CA TRP B 62 13.33 -16.79 26.58
C TRP B 62 12.04 -17.24 25.88
N VAL B 63 11.77 -18.54 25.96
CA VAL B 63 10.56 -19.14 25.36
C VAL B 63 9.26 -18.40 25.72
N GLU B 64 9.04 -18.16 27.02
CA GLU B 64 7.86 -17.44 27.49
C GLU B 64 7.74 -16.01 26.94
N GLN B 65 8.84 -15.28 26.88
CA GLN B 65 8.87 -13.97 26.24
C GLN B 65 8.42 -14.08 24.78
N LEU B 66 8.95 -15.09 24.08
CA LEU B 66 8.67 -15.28 22.65
C LEU B 66 7.19 -15.53 22.40
N VAL B 67 6.63 -16.45 23.19
CA VAL B 67 5.24 -16.88 23.03
C VAL B 67 4.24 -15.74 23.29
N TYR B 68 4.54 -14.91 24.29
CA TYR B 68 3.76 -13.70 24.50
C TYR B 68 3.93 -12.80 23.28
N ASP B 69 5.18 -12.50 22.95
CA ASP B 69 5.50 -11.64 21.81
C ASP B 69 4.97 -12.19 20.49
N PHE B 70 5.14 -13.49 20.26
CA PHE B 70 4.55 -14.16 19.10
C PHE B 70 3.05 -13.88 19.03
N THR B 71 2.36 -14.13 20.14
CA THR B 71 0.95 -13.84 20.22
C THR B 71 0.75 -12.35 19.96
N ASP B 72 1.65 -11.53 20.51
CA ASP B 72 1.57 -10.08 20.34
C ASP B 72 1.93 -9.66 18.91
N GLU B 73 2.59 -10.55 18.17
CA GLU B 73 2.98 -10.26 16.79
C GLU B 73 1.89 -10.62 15.77
N THR B 74 1.11 -11.64 16.11
CA THR B 74 0.10 -12.20 15.23
C THR B 74 -1.30 -11.66 15.53
N SER B 75 -1.51 -11.20 16.76
CA SER B 75 -2.82 -10.76 17.16
C SER B 75 -2.93 -9.24 17.22
N GLU B 76 -1.86 -8.57 17.64
CA GLU B 76 -1.89 -7.12 17.64
C GLU B 76 -1.83 -6.68 16.20
N VAL B 77 -3.00 -6.39 15.66
CA VAL B 77 -3.10 -5.92 14.29
C VAL B 77 -4.08 -4.77 14.21
N SER B 78 -4.05 -4.08 13.07
CA SER B 78 -4.91 -2.95 12.82
C SER B 78 -5.31 -3.09 11.37
N THR B 79 -6.31 -2.32 10.96
CA THR B 79 -6.68 -2.29 9.57
C THR B 79 -7.18 -0.90 9.21
N THR B 80 -7.29 -0.68 7.91
CA THR B 80 -7.93 0.49 7.36
C THR B 80 -8.11 0.25 5.87
N ASP B 81 -9.06 0.94 5.26
CA ASP B 81 -9.12 0.97 3.81
C ASP B 81 -8.75 2.38 3.33
N LYS B 82 -8.11 3.15 4.22
CA LYS B 82 -7.62 4.47 3.85
C LYS B 82 -6.12 4.47 3.59
N ILE B 83 -5.74 4.33 2.31
CA ILE B 83 -4.33 4.21 1.94
C ILE B 83 -3.92 5.20 0.85
N ALA B 84 -2.96 6.08 1.15
CA ALA B 84 -2.37 6.92 0.10
C ALA B 84 -1.06 6.31 -0.40
N ASP B 85 -1.05 5.79 -1.63
CA ASP B 85 0.18 5.30 -2.25
C ASP B 85 0.79 6.45 -3.07
N ILE B 86 1.92 6.97 -2.59
CA ILE B 86 2.48 8.16 -3.21
C ILE B 86 3.79 7.87 -3.94
N THR B 87 3.82 8.17 -5.25
CA THR B 87 5.03 7.99 -6.02
C THR B 87 5.68 9.33 -6.26
N ILE B 88 6.91 9.46 -5.80
CA ILE B 88 7.60 10.70 -5.95
C ILE B 88 8.56 10.54 -7.10
N ILE B 89 8.49 11.51 -8.00
CA ILE B 89 9.28 11.50 -9.20
C ILE B 89 10.46 12.41 -9.03
N ILE B 90 11.64 11.82 -8.95
CA ILE B 90 12.88 12.58 -8.79
C ILE B 90 13.42 13.04 -10.14
N PRO B 91 13.34 14.34 -10.43
CA PRO B 91 14.05 14.78 -11.62
C PRO B 91 15.56 14.79 -11.37
N TYR B 92 16.29 13.90 -12.02
CA TYR B 92 17.72 13.85 -11.80
C TYR B 92 18.46 14.89 -12.62
N ILE B 93 17.77 15.41 -13.64
CA ILE B 93 18.35 16.42 -14.49
C ILE B 93 17.68 17.76 -14.31
N GLY B 94 16.37 17.81 -14.46
CA GLY B 94 15.70 19.09 -14.36
C GLY B 94 15.72 19.73 -12.98
N PRO B 95 14.99 20.84 -12.83
CA PRO B 95 14.66 21.39 -11.52
C PRO B 95 13.64 20.50 -10.84
N ALA B 96 13.52 20.64 -9.51
CA ALA B 96 12.63 19.81 -8.71
C ALA B 96 11.18 19.99 -9.13
N LEU B 97 10.43 18.91 -9.02
CA LEU B 97 9.07 18.91 -9.51
C LEU B 97 8.14 19.29 -8.37
N ASN B 98 7.00 19.87 -8.72
CA ASN B 98 6.03 20.23 -7.69
C ASN B 98 5.29 19.03 -7.12
N ILE B 99 5.17 18.98 -5.79
CA ILE B 99 4.51 17.86 -5.11
C ILE B 99 3.10 17.65 -5.66
N GLY B 100 2.49 18.71 -6.17
CA GLY B 100 1.20 18.58 -6.85
C GLY B 100 1.29 17.56 -7.96
N ASN B 101 2.40 17.60 -8.70
CA ASN B 101 2.60 16.72 -9.83
C ASN B 101 2.99 15.27 -9.52
N MET B 102 3.34 14.97 -8.27
CA MET B 102 3.66 13.60 -7.89
C MET B 102 2.44 12.72 -8.04
N LEU B 103 2.66 11.41 -8.07
CA LEU B 103 1.57 10.49 -8.35
C LEU B 103 0.88 9.97 -7.08
N TYR B 104 -0.43 9.82 -7.17
CA TYR B 104 -1.22 9.42 -6.03
C TYR B 104 -2.15 8.31 -6.40
N LYS B 105 -2.24 7.30 -5.54
CA LYS B 105 -3.09 6.16 -5.83
C LYS B 105 -3.69 5.72 -4.52
N ASP B 106 -5.01 5.52 -4.48
CA ASP B 106 -5.68 5.08 -3.25
C ASP B 106 -6.71 3.97 -3.46
N ASP B 107 -6.69 3.35 -4.63
CA ASP B 107 -7.71 2.38 -4.95
C ASP B 107 -7.30 0.99 -4.43
N PHE B 108 -7.53 0.79 -3.14
CA PHE B 108 -7.14 -0.45 -2.49
C PHE B 108 -8.34 -1.07 -1.78
N VAL B 109 -8.38 -2.39 -1.75
CA VAL B 109 -9.42 -3.09 -1.01
C VAL B 109 -9.30 -2.85 0.49
N GLY B 110 -8.09 -2.96 1.03
CA GLY B 110 -7.85 -2.78 2.45
C GLY B 110 -6.43 -3.18 2.81
N ALA B 111 -6.03 -2.91 4.04
CA ALA B 111 -4.64 -3.11 4.46
C ALA B 111 -4.59 -3.70 5.87
N LEU B 112 -3.77 -4.75 6.02
CA LEU B 112 -3.63 -5.40 7.32
C LEU B 112 -2.28 -5.06 7.93
N ILE B 113 -2.27 -4.32 9.04
CA ILE B 113 -1.02 -3.85 9.68
C ILE B 113 -0.53 -4.78 10.81
N PHE B 114 0.74 -5.18 10.74
CA PHE B 114 1.33 -6.14 11.67
C PHE B 114 2.50 -5.58 12.47
N SER B 115 2.60 -4.26 12.56
CA SER B 115 3.71 -3.61 13.29
C SER B 115 5.08 -3.82 12.63
N GLY B 116 5.43 -5.08 12.37
CA GLY B 116 6.56 -5.41 11.52
C GLY B 116 6.32 -5.27 10.01
N ALA B 117 5.07 -5.36 9.55
CA ALA B 117 4.80 -5.37 8.11
C ALA B 117 3.36 -5.01 7.72
N VAL B 118 3.19 -4.35 6.58
CA VAL B 118 1.87 -4.00 6.08
C VAL B 118 1.48 -4.87 4.88
N ILE B 119 0.31 -5.49 4.99
CA ILE B 119 -0.21 -6.27 3.87
C ILE B 119 -1.36 -5.51 3.22
N LEU B 120 -1.19 -5.18 1.95
CA LEU B 120 -2.20 -4.49 1.16
C LEU B 120 -2.80 -5.44 0.16
N LEU B 121 -4.10 -5.27 -0.09
CA LEU B 121 -4.79 -6.07 -1.10
C LEU B 121 -5.44 -5.19 -2.15
N GLU B 122 -5.25 -5.54 -3.42
CA GLU B 122 -6.02 -4.90 -4.49
C GLU B 122 -6.61 -6.00 -5.30
N PHE B 123 -7.80 -5.74 -5.90
CA PHE B 123 -8.48 -6.72 -6.74
C PHE B 123 -8.60 -6.23 -8.20
N ILE B 124 -8.47 -7.14 -9.15
CA ILE B 124 -8.74 -6.82 -10.55
C ILE B 124 -9.33 -8.08 -11.16
N PRO B 125 -10.03 -7.94 -12.30
CA PRO B 125 -10.44 -6.72 -13.00
C PRO B 125 -11.76 -6.26 -12.46
N GLU B 126 -12.21 -5.05 -12.80
CA GLU B 126 -13.53 -4.62 -12.36
C GLU B 126 -14.54 -5.56 -12.99
N ILE B 127 -15.67 -5.75 -12.34
CA ILE B 127 -16.65 -6.70 -12.85
C ILE B 127 -17.19 -6.16 -14.16
N ALA B 128 -17.60 -7.05 -15.05
CA ALA B 128 -18.21 -6.67 -16.32
C ALA B 128 -19.72 -6.82 -16.24
N ILE B 129 -20.43 -5.71 -16.38
CA ILE B 129 -21.89 -5.78 -16.44
C ILE B 129 -22.34 -6.06 -17.88
N PRO B 130 -23.15 -7.10 -18.07
CA PRO B 130 -23.65 -7.40 -19.43
C PRO B 130 -24.44 -6.20 -19.98
N VAL B 131 -24.43 -6.01 -21.29
CA VAL B 131 -25.09 -4.82 -21.87
C VAL B 131 -26.57 -4.83 -21.57
N LEU B 132 -27.08 -3.66 -21.20
CA LEU B 132 -28.41 -3.59 -20.65
C LEU B 132 -29.49 -3.58 -21.74
N GLY B 133 -29.18 -2.97 -22.88
CA GLY B 133 -30.05 -3.09 -24.03
C GLY B 133 -30.88 -1.85 -24.20
N THR B 134 -31.75 -1.89 -25.20
CA THR B 134 -32.63 -0.77 -25.52
C THR B 134 -34.06 -1.26 -25.67
N PHE B 135 -34.97 -0.69 -24.90
CA PHE B 135 -36.36 -1.06 -25.03
C PHE B 135 -36.91 -0.53 -26.34
N ALA B 136 -37.50 -1.41 -27.14
CA ALA B 136 -38.19 -0.96 -28.34
C ALA B 136 -39.56 -0.43 -27.91
N LEU B 137 -39.79 0.85 -28.14
CA LEU B 137 -41.07 1.44 -27.77
C LEU B 137 -42.02 1.45 -28.96
N VAL B 138 -42.96 0.51 -28.95
CA VAL B 138 -43.89 0.33 -30.06
C VAL B 138 -44.98 1.41 -30.05
N SER B 139 -45.19 2.08 -31.19
CA SER B 139 -46.29 3.05 -31.29
C SER B 139 -47.59 2.41 -31.77
N TYR B 140 -48.71 2.99 -31.33
CA TYR B 140 -50.03 2.57 -31.77
C TYR B 140 -50.86 3.80 -31.99
N ILE B 141 -50.73 4.39 -33.19
CA ILE B 141 -51.37 5.65 -33.48
C ILE B 141 -52.86 5.59 -33.12
N ALA B 142 -53.30 6.59 -32.34
CA ALA B 142 -54.68 6.68 -31.88
C ALA B 142 -55.14 5.45 -31.10
N ASN B 143 -54.41 5.13 -30.04
CA ASN B 143 -54.79 4.03 -29.16
C ASN B 143 -54.25 4.26 -27.74
N LYS B 144 -54.91 5.14 -27.00
CA LYS B 144 -54.46 5.58 -25.68
C LYS B 144 -54.02 4.45 -24.77
N VAL B 145 -54.90 3.51 -24.50
CA VAL B 145 -54.63 2.46 -23.51
C VAL B 145 -53.40 1.64 -23.86
N LEU B 146 -53.21 1.41 -25.15
CA LEU B 146 -52.10 0.61 -25.62
C LEU B 146 -50.79 1.38 -25.64
N THR B 147 -50.82 2.69 -25.89
CA THR B 147 -49.57 3.46 -25.85
C THR B 147 -49.16 3.74 -24.40
N VAL B 148 -50.15 4.01 -23.54
CA VAL B 148 -49.92 4.06 -22.10
C VAL B 148 -49.29 2.75 -21.60
N GLN B 149 -49.77 1.64 -22.14
CA GLN B 149 -49.27 0.33 -21.75
C GLN B 149 -47.78 0.13 -22.10
N THR B 150 -47.34 0.65 -23.25
CA THR B 150 -45.93 0.51 -23.57
C THR B 150 -45.06 1.35 -22.63
N ILE B 151 -45.58 2.50 -22.20
CA ILE B 151 -44.87 3.34 -21.22
C ILE B 151 -44.71 2.59 -19.89
N ASP B 152 -45.84 2.13 -19.36
CA ASP B 152 -45.88 1.34 -18.14
C ASP B 152 -45.00 0.09 -18.18
N ASN B 153 -45.07 -0.70 -19.25
CA ASN B 153 -44.19 -1.87 -19.38
C ASN B 153 -42.73 -1.48 -19.45
N ALA B 154 -42.46 -0.36 -20.09
CA ALA B 154 -41.08 0.13 -20.16
C ALA B 154 -40.54 0.34 -18.73
N LEU B 155 -41.30 1.04 -17.88
CA LEU B 155 -40.88 1.31 -16.51
C LEU B 155 -40.78 0.07 -15.61
N SER B 156 -41.66 -0.92 -15.82
CA SER B 156 -41.56 -2.20 -15.10
C SER B 156 -40.32 -2.98 -15.48
N LYS B 157 -40.11 -3.16 -16.79
CA LYS B 157 -38.93 -3.84 -17.27
C LYS B 157 -37.69 -3.16 -16.70
N ARG B 158 -37.74 -1.83 -16.62
CA ARG B 158 -36.59 -1.09 -16.07
C ARG B 158 -36.27 -1.53 -14.64
N ASN B 159 -37.30 -1.72 -13.81
CA ASN B 159 -37.09 -2.17 -12.44
C ASN B 159 -36.51 -3.58 -12.43
N GLU B 160 -37.11 -4.46 -13.23
CA GLU B 160 -36.58 -5.80 -13.38
C GLU B 160 -35.08 -5.73 -13.68
N LYS B 161 -34.70 -4.78 -14.53
CA LYS B 161 -33.32 -4.63 -14.97
C LYS B 161 -32.38 -4.35 -13.77
N TRP B 162 -32.75 -3.39 -12.92
CA TRP B 162 -32.03 -3.17 -11.67
C TRP B 162 -31.90 -4.44 -10.84
N ASP B 163 -32.99 -5.20 -10.75
CA ASP B 163 -32.92 -6.49 -10.08
C ASP B 163 -31.95 -7.49 -10.74
N GLU B 164 -32.04 -7.65 -12.08
CA GLU B 164 -31.14 -8.57 -12.81
C GLU B 164 -29.66 -8.22 -12.63
N VAL B 165 -29.32 -6.95 -12.83
CA VAL B 165 -27.94 -6.50 -12.62
C VAL B 165 -27.44 -6.76 -11.19
N TYR B 166 -28.23 -6.38 -10.19
CA TYR B 166 -27.88 -6.62 -8.78
C TYR B 166 -27.66 -8.10 -8.53
N LYS B 167 -28.63 -8.90 -8.94
CA LYS B 167 -28.51 -10.35 -8.84
C LYS B 167 -27.22 -10.83 -9.52
N TYR B 168 -26.97 -10.37 -10.75
CA TYR B 168 -25.74 -10.74 -11.47
C TYR B 168 -24.50 -10.47 -10.64
N ILE B 169 -24.44 -9.25 -10.08
CA ILE B 169 -23.30 -8.82 -9.30
C ILE B 169 -23.11 -9.67 -8.03
N VAL B 170 -24.21 -9.93 -7.34
CA VAL B 170 -24.08 -10.72 -6.13
C VAL B 170 -23.62 -12.15 -6.43
N THR B 171 -24.15 -12.77 -7.48
CA THR B 171 -23.77 -14.16 -7.73
C THR B 171 -22.28 -14.27 -8.05
N ASN B 172 -21.76 -13.33 -8.85
CA ASN B 172 -20.33 -13.33 -9.11
C ASN B 172 -19.50 -13.00 -7.88
N TRP B 173 -20.02 -12.12 -7.02
CA TRP B 173 -19.33 -11.78 -5.79
C TRP B 173 -19.19 -13.01 -4.89
N LEU B 174 -20.25 -13.80 -4.83
CA LEU B 174 -20.23 -15.04 -4.06
C LEU B 174 -19.36 -16.08 -4.74
N ALA B 175 -19.54 -16.25 -6.05
CA ALA B 175 -18.89 -17.33 -6.79
C ALA B 175 -17.44 -17.07 -7.18
N LYS B 176 -17.08 -15.81 -7.41
CA LYS B 176 -15.75 -15.52 -7.89
C LYS B 176 -14.93 -14.71 -6.88
N VAL B 177 -15.51 -13.68 -6.29
CA VAL B 177 -14.73 -12.86 -5.37
C VAL B 177 -14.48 -13.52 -4.02
N ASN B 178 -15.55 -14.06 -3.41
CA ASN B 178 -15.39 -14.70 -2.10
C ASN B 178 -14.57 -15.99 -2.15
N THR B 179 -14.73 -16.78 -3.20
CA THR B 179 -13.84 -17.91 -3.46
C THR B 179 -12.36 -17.48 -3.47
N GLN B 180 -12.01 -16.39 -4.18
CA GLN B 180 -10.60 -15.97 -4.14
C GLN B 180 -10.20 -15.59 -2.73
N ILE B 181 -11.09 -14.88 -2.03
CA ILE B 181 -10.79 -14.40 -0.68
C ILE B 181 -10.55 -15.58 0.26
N ASP B 182 -11.35 -16.63 0.08
CA ASP B 182 -11.16 -17.86 0.86
C ASP B 182 -9.78 -18.50 0.67
N LEU B 183 -9.23 -18.44 -0.54
CA LEU B 183 -7.91 -18.98 -0.76
C LEU B 183 -6.87 -18.14 -0.03
N ILE B 184 -7.14 -16.83 0.09
CA ILE B 184 -6.31 -15.90 0.87
C ILE B 184 -6.40 -16.20 2.36
N ARG B 185 -7.61 -16.57 2.77
CA ARG B 185 -7.89 -17.00 4.12
C ARG B 185 -6.96 -18.18 4.44
N LYS B 186 -6.92 -19.14 3.52
CA LYS B 186 -6.12 -20.33 3.69
C LYS B 186 -4.61 -20.00 3.69
N LYS B 187 -4.18 -19.08 2.82
CA LYS B 187 -2.75 -18.77 2.69
C LYS B 187 -2.23 -18.05 3.92
N MET B 188 -3.06 -17.19 4.47
CA MET B 188 -2.70 -16.46 5.69
C MET B 188 -2.58 -17.37 6.91
N LYS B 189 -3.52 -18.31 7.09
CA LYS B 189 -3.37 -19.31 8.13
C LYS B 189 -2.08 -20.09 7.94
N GLU B 190 -1.83 -20.49 6.69
CA GLU B 190 -0.65 -21.27 6.36
C GLU B 190 0.64 -20.50 6.65
N ALA B 191 0.66 -19.24 6.26
CA ALA B 191 1.83 -18.39 6.51
C ALA B 191 2.15 -18.43 7.98
N LEU B 192 1.09 -18.39 8.79
CA LEU B 192 1.17 -18.33 10.24
C LEU B 192 1.62 -19.65 10.85
N GLU B 193 0.97 -20.73 10.38
CA GLU B 193 1.34 -22.09 10.78
C GLU B 193 2.82 -22.32 10.49
N ASN B 194 3.30 -21.71 9.41
CA ASN B 194 4.70 -21.84 9.01
C ASN B 194 5.65 -20.94 9.82
N GLN B 195 5.18 -19.77 10.23
CA GLN B 195 6.01 -18.90 11.07
C GLN B 195 6.17 -19.49 12.47
N ALA B 196 5.14 -20.21 12.91
CA ALA B 196 5.18 -20.93 14.18
C ALA B 196 6.21 -22.05 14.13
N GLU B 197 6.27 -22.78 13.02
CA GLU B 197 7.22 -23.87 12.87
C GLU B 197 8.63 -23.39 12.65
N ALA B 198 8.78 -22.13 12.22
CA ALA B 198 10.10 -21.55 12.08
C ALA B 198 10.64 -21.24 13.46
N THR B 199 9.86 -20.49 14.24
CA THR B 199 10.25 -20.13 15.60
C THR B 199 10.47 -21.39 16.45
N LYS B 200 9.63 -22.40 16.23
CA LYS B 200 9.75 -23.69 16.90
C LYS B 200 11.09 -24.39 16.61
N ALA B 201 11.40 -24.61 15.33
CA ALA B 201 12.64 -25.29 14.95
C ALA B 201 13.90 -24.50 15.31
N ILE B 202 13.74 -23.18 15.51
CA ILE B 202 14.82 -22.33 15.98
C ILE B 202 15.10 -22.57 17.49
N ILE B 203 14.02 -22.79 18.23
CA ILE B 203 14.12 -23.12 19.64
C ILE B 203 14.58 -24.56 19.86
N ASN B 204 13.93 -25.51 19.20
CA ASN B 204 14.25 -26.93 19.35
C ASN B 204 15.71 -27.20 19.10
N TYR B 205 16.32 -26.39 18.24
CA TYR B 205 17.74 -26.44 17.99
C TYR B 205 18.54 -26.13 19.26
N GLN B 206 18.31 -24.94 19.82
CA GLN B 206 18.98 -24.47 21.03
C GLN B 206 18.94 -25.45 22.20
N TYR B 207 17.78 -26.08 22.39
CA TYR B 207 17.59 -27.03 23.48
C TYR B 207 18.10 -28.43 23.14
N ASN B 208 18.00 -28.82 21.88
CA ASN B 208 18.64 -30.04 21.42
C ASN B 208 20.07 -29.75 21.01
N GLN B 209 20.61 -28.69 21.61
CA GLN B 209 22.03 -28.37 21.59
C GLN B 209 22.44 -27.89 22.99
N TYR B 210 22.40 -28.80 23.96
CA TYR B 210 22.77 -28.49 25.34
C TYR B 210 23.34 -29.72 26.05
N THR B 211 24.00 -29.49 27.19
CA THR B 211 24.55 -30.58 27.98
C THR B 211 23.44 -31.46 28.53
N GLU B 212 23.53 -32.76 28.24
CA GLU B 212 22.45 -33.73 28.50
C GLU B 212 21.80 -33.62 29.89
N GLU B 213 22.54 -33.08 30.86
CA GLU B 213 21.99 -32.86 32.20
C GLU B 213 21.06 -31.64 32.22
N GLU B 214 21.48 -30.56 31.57
CA GLU B 214 20.62 -29.39 31.39
C GLU B 214 19.38 -29.81 30.59
N LYS B 215 19.55 -30.74 29.66
CA LYS B 215 18.44 -31.27 28.85
C LYS B 215 17.43 -32.07 29.67
N ASN B 216 17.80 -32.41 30.89
CA ASN B 216 16.89 -33.10 31.80
C ASN B 216 16.57 -32.23 33.01
N ASN B 217 17.50 -31.33 33.34
CA ASN B 217 17.29 -30.36 34.41
C ASN B 217 16.57 -29.09 33.91
N ILE B 218 16.19 -29.10 32.64
CA ILE B 218 15.24 -28.12 32.11
C ILE B 218 13.98 -28.84 31.64
N ASN B 219 12.91 -28.66 32.39
CA ASN B 219 11.68 -29.25 31.96
C ASN B 219 11.43 -28.55 30.65
N PHE B 220 11.27 -29.34 29.61
CA PHE B 220 10.86 -28.85 28.29
C PHE B 220 9.92 -29.83 27.60
N ASN B 221 9.09 -29.31 26.68
CA ASN B 221 8.04 -30.10 26.05
C ASN B 221 7.59 -29.49 24.71
N ILE B 222 7.74 -30.23 23.61
CA ILE B 222 7.38 -29.67 22.30
C ILE B 222 5.89 -29.43 22.18
N ASP B 223 5.09 -30.37 22.66
CA ASP B 223 3.65 -30.27 22.55
C ASP B 223 3.14 -29.04 23.32
N ASP B 224 3.81 -28.74 24.44
CA ASP B 224 3.55 -27.51 25.19
C ASP B 224 3.69 -26.29 24.29
N LEU B 225 4.84 -26.16 23.65
CA LEU B 225 5.08 -25.06 22.73
C LEU B 225 4.21 -25.20 21.46
N SER B 226 4.09 -26.43 20.96
CA SER B 226 3.32 -26.69 19.74
C SER B 226 1.80 -26.68 20.00
N SER B 227 1.35 -25.76 20.85
CA SER B 227 -0.05 -25.70 21.27
C SER B 227 -0.34 -24.27 21.68
N LYS B 228 0.60 -23.70 22.42
CA LYS B 228 0.56 -22.30 22.79
C LYS B 228 0.81 -21.44 21.55
N LEU B 229 1.18 -22.10 20.46
CA LEU B 229 1.37 -21.42 19.18
C LEU B 229 0.13 -21.57 18.28
N ASN B 230 -0.53 -22.72 18.37
CA ASN B 230 -1.74 -22.93 17.60
C ASN B 230 -2.93 -22.17 18.15
N GLU B 231 -3.05 -22.12 19.46
CA GLU B 231 -4.11 -21.31 20.06
C GLU B 231 -3.79 -19.84 19.81
N SER B 232 -2.51 -19.52 19.81
CA SER B 232 -2.06 -18.19 19.45
C SER B 232 -2.45 -17.90 17.99
N ILE B 233 -2.30 -18.91 17.13
CA ILE B 233 -2.65 -18.76 15.73
C ILE B 233 -4.16 -18.61 15.50
N ASN B 234 -4.95 -19.46 16.14
CA ASN B 234 -6.39 -19.38 16.00
C ASN B 234 -6.94 -18.04 16.49
N LYS B 235 -6.36 -17.54 17.59
CA LYS B 235 -6.69 -16.22 18.12
C LYS B 235 -6.45 -15.16 17.05
N ALA B 236 -5.24 -15.20 16.48
CA ALA B 236 -4.85 -14.33 15.38
C ALA B 236 -5.78 -14.45 14.14
N MET B 237 -6.18 -15.68 13.83
CA MET B 237 -7.06 -15.92 12.69
C MET B 237 -8.43 -15.29 12.88
N ILE B 238 -8.83 -15.05 14.12
CA ILE B 238 -10.10 -14.36 14.36
C ILE B 238 -10.09 -12.94 13.74
N ASN B 239 -8.98 -12.24 13.89
CA ASN B 239 -8.88 -10.87 13.38
C ASN B 239 -8.72 -10.86 11.88
N ILE B 240 -7.99 -11.87 11.37
CA ILE B 240 -7.72 -11.97 9.95
C ILE B 240 -8.99 -12.28 9.15
N ASN B 241 -9.78 -13.23 9.66
CA ASN B 241 -11.10 -13.50 9.11
C ASN B 241 -11.97 -12.26 9.13
N LYS B 242 -11.88 -11.49 10.21
CA LYS B 242 -12.68 -10.29 10.37
C LYS B 242 -12.32 -9.32 9.24
N PHE B 243 -11.01 -9.11 9.10
CA PHE B 243 -10.44 -8.28 8.04
C PHE B 243 -10.87 -8.70 6.62
N LEU B 244 -10.72 -10.00 6.33
CA LEU B 244 -11.09 -10.53 5.01
C LEU B 244 -12.60 -10.42 4.73
N ASN B 245 -13.43 -10.72 5.74
CA ASN B 245 -14.86 -10.39 5.63
C ASN B 245 -15.09 -8.91 5.32
N GLN B 246 -14.39 -8.05 6.05
CA GLN B 246 -14.52 -6.63 5.78
C GLN B 246 -14.13 -6.30 4.32
N CYS B 247 -13.08 -6.94 3.81
CA CYS B 247 -12.63 -6.70 2.44
C CYS B 247 -13.67 -7.16 1.42
N SER B 248 -14.10 -8.41 1.56
CA SER B 248 -15.23 -8.95 0.78
C SER B 248 -16.43 -8.00 0.66
N VAL B 249 -17.04 -7.64 1.79
CA VAL B 249 -18.22 -6.77 1.82
C VAL B 249 -17.89 -5.35 1.28
N SER B 250 -16.74 -4.81 1.66
CA SER B 250 -16.37 -3.48 1.20
C SER B 250 -16.28 -3.48 -0.32
N TYR B 251 -15.72 -4.55 -0.87
CA TYR B 251 -15.52 -4.64 -2.30
C TYR B 251 -16.87 -4.73 -2.99
N LEU B 252 -17.74 -5.60 -2.48
CA LEU B 252 -19.11 -5.66 -2.99
C LEU B 252 -19.78 -4.29 -2.96
N MET B 253 -19.83 -3.69 -1.76
CA MET B 253 -20.53 -2.43 -1.52
C MET B 253 -19.87 -1.19 -2.11
N ASN B 254 -18.55 -1.12 -2.16
CA ASN B 254 -17.91 0.11 -2.61
C ASN B 254 -17.26 0.08 -4.00
N SER B 255 -17.12 -1.10 -4.57
CA SER B 255 -16.59 -1.24 -5.91
C SER B 255 -17.61 -1.85 -6.87
N MET B 256 -18.06 -3.06 -6.58
CA MET B 256 -18.91 -3.80 -7.51
C MET B 256 -20.26 -3.13 -7.74
N ILE B 257 -21.06 -3.01 -6.67
CA ILE B 257 -22.37 -2.37 -6.74
C ILE B 257 -22.35 -0.93 -7.32
N PRO B 258 -21.45 -0.06 -6.83
CA PRO B 258 -21.47 1.29 -7.42
C PRO B 258 -21.16 1.27 -8.91
N TYR B 259 -20.41 0.27 -9.33
CA TYR B 259 -20.12 0.19 -10.75
C TYR B 259 -21.39 -0.19 -11.50
N GLY B 260 -22.14 -1.15 -10.94
CA GLY B 260 -23.39 -1.56 -11.54
C GLY B 260 -24.42 -0.43 -11.52
N VAL B 261 -24.50 0.30 -10.41
CA VAL B 261 -25.43 1.41 -10.32
C VAL B 261 -25.17 2.48 -11.38
N LYS B 262 -23.89 2.79 -11.62
CA LYS B 262 -23.54 3.77 -12.64
C LYS B 262 -24.15 3.32 -13.96
N ARG B 263 -24.01 2.04 -14.26
CA ARG B 263 -24.56 1.51 -15.50
C ARG B 263 -26.07 1.63 -15.58
N LEU B 264 -26.76 1.25 -14.51
CA LEU B 264 -28.21 1.30 -14.47
C LEU B 264 -28.73 2.74 -14.49
N GLU B 265 -27.95 3.68 -13.98
CA GLU B 265 -28.35 5.09 -14.04
C GLU B 265 -28.24 5.64 -15.45
N ASP B 266 -27.30 5.12 -16.24
CA ASP B 266 -27.17 5.54 -17.64
C ASP B 266 -28.35 5.00 -18.38
N PHE B 267 -28.64 3.73 -18.11
CA PHE B 267 -29.73 3.05 -18.74
C PHE B 267 -31.00 3.86 -18.50
N ASP B 268 -31.23 4.24 -17.26
CA ASP B 268 -32.36 5.05 -16.85
C ASP B 268 -32.48 6.34 -17.67
N ALA B 269 -31.34 6.99 -17.86
CA ALA B 269 -31.32 8.32 -18.45
C ALA B 269 -31.74 8.25 -19.91
N SER B 270 -31.19 7.28 -20.64
CA SER B 270 -31.53 7.16 -22.06
C SER B 270 -32.93 6.57 -22.28
N LEU B 271 -33.39 5.72 -21.36
CA LEU B 271 -34.77 5.26 -21.38
C LEU B 271 -35.68 6.45 -21.09
N LYS B 272 -35.27 7.30 -20.16
CA LYS B 272 -36.03 8.49 -19.83
C LYS B 272 -36.17 9.38 -21.06
N ASP B 273 -35.10 9.49 -21.83
CA ASP B 273 -35.17 10.36 -23.00
C ASP B 273 -36.13 9.76 -24.00
N ALA B 274 -35.97 8.47 -24.24
CA ALA B 274 -36.83 7.71 -25.14
C ALA B 274 -38.30 7.86 -24.79
N LEU B 275 -38.61 7.70 -23.50
CA LEU B 275 -40.00 7.73 -23.04
C LEU B 275 -40.61 9.13 -23.11
N LEU B 276 -39.79 10.15 -22.84
CA LEU B 276 -40.26 11.54 -22.97
C LEU B 276 -40.47 11.90 -24.45
N LYS B 277 -39.58 11.41 -25.30
CA LYS B 277 -39.75 11.59 -26.73
C LYS B 277 -40.98 10.82 -27.21
N TYR B 278 -41.15 9.61 -26.69
CA TYR B 278 -42.30 8.79 -27.03
C TYR B 278 -43.57 9.55 -26.66
N ILE B 279 -43.62 10.08 -25.44
CA ILE B 279 -44.80 10.81 -24.98
C ILE B 279 -45.14 12.04 -25.86
N TYR B 280 -44.13 12.79 -26.25
CA TYR B 280 -44.32 13.93 -27.14
C TYR B 280 -44.83 13.52 -28.53
N ASP B 281 -44.32 12.40 -29.04
CA ASP B 281 -44.74 11.93 -30.36
C ASP B 281 -46.13 11.28 -30.34
N ASN B 282 -46.64 10.99 -29.15
CA ASN B 282 -48.00 10.49 -29.02
C ASN B 282 -48.93 11.42 -28.24
N ARG B 283 -48.49 12.65 -28.01
CA ARG B 283 -49.24 13.61 -27.18
C ARG B 283 -50.66 13.91 -27.65
N GLY B 284 -50.93 13.62 -28.91
CA GLY B 284 -52.29 13.72 -29.41
C GLY B 284 -53.06 12.54 -28.86
N THR B 285 -52.60 11.34 -29.23
CA THR B 285 -53.14 10.07 -28.76
C THR B 285 -53.39 10.03 -27.25
N LEU B 286 -52.55 10.73 -26.49
CA LEU B 286 -52.53 10.65 -25.03
C LEU B 286 -53.13 11.85 -24.36
N ILE B 287 -53.92 12.62 -25.10
CA ILE B 287 -54.36 13.89 -24.57
C ILE B 287 -55.18 13.64 -23.32
N GLY B 288 -54.96 14.46 -22.30
CA GLY B 288 -55.65 14.29 -21.04
C GLY B 288 -54.71 13.77 -19.97
N GLN B 289 -53.67 13.08 -20.41
CA GLN B 289 -52.74 12.53 -19.44
C GLN B 289 -51.28 12.58 -19.86
N VAL B 290 -50.91 13.61 -20.60
CA VAL B 290 -49.51 13.80 -20.97
C VAL B 290 -48.68 14.19 -19.74
N ASP B 291 -49.18 15.13 -18.95
CA ASP B 291 -48.41 15.63 -17.81
C ASP B 291 -48.24 14.55 -16.73
N ARG B 292 -49.30 13.79 -16.48
CA ARG B 292 -49.27 12.65 -15.59
C ARG B 292 -48.11 11.73 -15.99
N LEU B 293 -48.16 11.22 -17.22
CA LEU B 293 -47.11 10.37 -17.77
C LEU B 293 -45.71 10.99 -17.74
N LYS B 294 -45.56 12.22 -18.23
CA LYS B 294 -44.28 12.93 -18.18
C LYS B 294 -43.66 12.85 -16.78
N ASP B 295 -44.49 13.10 -15.78
CA ASP B 295 -44.04 13.07 -14.39
C ASP B 295 -43.78 11.67 -13.85
N LYS B 296 -44.73 10.75 -14.05
CA LYS B 296 -44.50 9.35 -13.70
C LYS B 296 -43.20 8.82 -14.30
N VAL B 297 -42.86 9.29 -15.49
CA VAL B 297 -41.60 8.89 -16.10
C VAL B 297 -40.42 9.52 -15.37
N ASN B 298 -40.45 10.84 -15.18
CA ASN B 298 -39.33 11.55 -14.56
C ASN B 298 -39.05 11.06 -13.15
N ASN B 299 -40.10 11.06 -12.32
CA ASN B 299 -40.00 10.59 -10.95
C ASN B 299 -39.42 9.18 -10.84
N THR B 300 -40.00 8.25 -11.60
CA THR B 300 -39.51 6.87 -11.63
C THR B 300 -38.03 6.84 -11.98
N LEU B 301 -37.69 7.33 -13.18
CA LEU B 301 -36.33 7.21 -13.73
C LEU B 301 -35.30 8.20 -13.17
N SER B 302 -35.61 8.81 -12.03
CA SER B 302 -34.68 9.71 -11.37
C SER B 302 -34.46 9.29 -9.91
N THR B 303 -35.10 8.19 -9.52
CA THR B 303 -34.94 7.61 -8.19
C THR B 303 -34.28 6.28 -8.35
N ASP B 304 -33.09 6.14 -7.80
CA ASP B 304 -32.37 4.88 -7.87
C ASP B 304 -33.12 3.78 -7.13
N ILE B 305 -32.98 2.55 -7.57
CA ILE B 305 -33.52 1.45 -6.79
C ILE B 305 -32.43 0.97 -5.82
N PRO B 306 -32.71 1.08 -4.52
CA PRO B 306 -31.63 0.70 -3.61
C PRO B 306 -31.35 -0.79 -3.68
N PHE B 307 -30.13 -1.14 -3.37
CA PHE B 307 -29.70 -2.51 -3.43
C PHE B 307 -29.96 -3.17 -2.09
N GLN B 308 -30.69 -4.29 -2.12
CA GLN B 308 -30.95 -5.06 -0.90
C GLN B 308 -30.23 -6.39 -0.94
N LEU B 309 -29.09 -6.50 -0.24
CA LEU B 309 -28.31 -7.74 -0.26
C LEU B 309 -29.16 -8.96 0.09
N SER B 310 -30.01 -8.80 1.10
CA SER B 310 -30.82 -9.94 1.58
C SER B 310 -31.73 -10.63 0.53
N LYS B 311 -32.06 -9.94 -0.56
CA LYS B 311 -32.83 -10.55 -1.67
C LYS B 311 -32.12 -11.73 -2.30
N TYR B 312 -30.79 -11.62 -2.37
CA TYR B 312 -30.00 -12.48 -3.23
C TYR B 312 -29.19 -13.53 -2.49
N VAL B 313 -29.29 -13.55 -1.16
CA VAL B 313 -28.58 -14.54 -0.38
C VAL B 313 -29.57 -15.40 0.42
N ASP B 314 -29.60 -16.70 0.11
CA ASP B 314 -30.50 -17.63 0.77
C ASP B 314 -29.81 -18.50 1.81
N ASN B 315 -28.64 -18.08 2.30
CA ASN B 315 -27.97 -18.85 3.34
C ASN B 315 -28.29 -18.38 4.76
N GLN B 316 -28.71 -17.13 4.90
CA GLN B 316 -29.01 -16.53 6.21
C GLN B 316 -27.78 -16.47 7.11
N ARG B 317 -27.13 -17.62 7.33
CA ARG B 317 -25.88 -17.68 8.06
C ARG B 317 -24.86 -16.77 7.38
N LEU B 318 -24.71 -16.96 6.08
CA LEU B 318 -23.89 -16.10 5.26
C LEU B 318 -24.44 -14.69 5.32
N LEU B 319 -25.76 -14.56 5.23
CA LEU B 319 -26.40 -13.25 5.30
C LEU B 319 -26.04 -12.53 6.60
N SER B 320 -26.17 -13.24 7.73
CA SER B 320 -25.84 -12.69 9.05
C SER B 320 -24.40 -12.18 9.14
N THR B 321 -23.47 -12.97 8.61
CA THR B 321 -22.05 -12.67 8.72
C THR B 321 -21.70 -11.43 7.92
N PHE B 322 -22.14 -11.40 6.67
CA PHE B 322 -21.81 -10.30 5.78
C PHE B 322 -22.46 -8.98 6.19
N THR B 323 -23.69 -9.04 6.68
CA THR B 323 -24.45 -7.84 7.09
C THR B 323 -23.77 -7.06 8.21
N GLU B 324 -23.09 -7.77 9.10
CA GLU B 324 -22.30 -7.13 10.16
C GLU B 324 -21.39 -6.03 9.62
N TYR B 325 -20.72 -6.36 8.52
CA TYR B 325 -19.63 -5.57 7.97
C TYR B 325 -20.04 -4.47 6.98
N ILE B 326 -21.23 -3.92 7.18
CA ILE B 326 -21.73 -2.87 6.30
C ILE B 326 -21.70 -1.50 6.97
P PO4 C . 3.91 -0.30 -10.85
O1 PO4 C . 3.65 0.14 -12.30
O2 PO4 C . 5.36 -0.14 -10.43
O3 PO4 C . 3.55 -1.75 -10.62
O4 PO4 C . 3.03 0.56 -9.97
#